data_7VTD
#
_entry.id   7VTD
#
_cell.length_a   186.805
_cell.length_b   186.805
_cell.length_c   49.648
_cell.angle_alpha   90.0
_cell.angle_beta   90.0
_cell.angle_gamma   120.0
#
_symmetry.space_group_name_H-M   'P 3'
#
loop_
_entity.id
_entity.type
_entity.pdbx_description
1 polymer 'Pseudouridine kinase'
2 non-polymer 'POTASSIUM ION'
3 water water
#
_entity_poly.entity_id   1
_entity_poly.type   'polypeptide(L)'
_entity_poly.pdbx_seq_one_letter_code
;MREKDYVVIIGSANIDVAGYSHESLNYADSNPGKIKFTPGGVGRNIAQNLALLGNKAWLLSAVGSDFYGQSLLTQTNQSG
VYVDKCLIVPGENTSSYLSLLDNTGEMLVAINDMNISNAITAEYLAQHREFIQRAKVIVADCNISEEALAWILDNAANVP
VFVDPVSAWKCVKVRDRLNQIHTLKPNRLEAETLSGIALSGRDDVAKVAAWFHQHGLNRLVLSMGGDGVYYSDIRGENGW
SAPIKTNVINVTGAGDAMMAGLASCWVDGMPFAESVRFAQGCSSMALSCEYTNNPDLSIANVISLVENAECLN
;
_entity_poly.pdbx_strand_id   A,B,C,D
#
# COMPACT_ATOMS: atom_id res chain seq x y z
N GLU A 3 -9.28 27.72 -8.55
CA GLU A 3 -8.13 26.83 -8.48
C GLU A 3 -8.36 25.65 -7.52
N LYS A 4 -8.15 24.45 -8.05
CA LYS A 4 -8.11 23.11 -7.38
C LYS A 4 -9.41 22.31 -7.22
N ASP A 5 -10.58 22.81 -7.58
CA ASP A 5 -11.70 21.88 -7.71
C ASP A 5 -11.59 21.19 -9.06
N TYR A 6 -11.60 19.85 -9.05
CA TYR A 6 -11.49 19.12 -10.30
C TYR A 6 -12.38 17.87 -10.37
N VAL A 7 -12.55 17.37 -11.58
CA VAL A 7 -13.36 16.20 -11.86
C VAL A 7 -12.48 15.10 -12.45
N VAL A 8 -12.66 13.87 -12.00
CA VAL A 8 -11.94 12.74 -12.58
C VAL A 8 -12.89 11.93 -13.46
N ILE A 9 -12.46 11.65 -14.69
CA ILE A 9 -13.24 10.84 -15.61
C ILE A 9 -12.48 9.58 -15.95
N ILE A 10 -13.00 8.43 -15.52
CA ILE A 10 -12.38 7.15 -15.84
C ILE A 10 -13.19 6.41 -16.90
N GLY A 11 -12.66 6.38 -18.11
CA GLY A 11 -13.34 5.75 -19.23
C GLY A 11 -12.43 5.47 -20.39
N SER A 12 -13.02 5.10 -21.54
CA SER A 12 -12.22 4.71 -22.69
C SER A 12 -11.92 5.89 -23.60
N ALA A 13 -10.74 5.85 -24.22
CA ALA A 13 -10.33 6.85 -25.19
C ALA A 13 -10.08 6.17 -26.54
N ASN A 14 -10.86 6.58 -27.55
CA ASN A 14 -10.77 5.93 -28.85
C ASN A 14 -10.47 6.87 -30.00
N ILE A 15 -10.15 6.29 -31.15
CA ILE A 15 -10.08 7.01 -32.40
C ILE A 15 -11.23 6.51 -33.28
N ASP A 16 -12.16 7.40 -33.57
CA ASP A 16 -13.28 7.08 -34.44
C ASP A 16 -12.93 7.37 -35.89
N VAL A 17 -13.01 6.34 -36.73
CA VAL A 17 -12.74 6.50 -38.15
C VAL A 17 -14.03 6.31 -38.94
N ALA A 18 -14.51 7.39 -39.55
CA ALA A 18 -15.75 7.33 -40.32
C ALA A 18 -15.48 7.45 -41.81
N GLY A 19 -15.94 6.46 -42.57
CA GLY A 19 -15.73 6.49 -44.01
C GLY A 19 -16.99 6.27 -44.81
N TYR A 20 -17.20 7.09 -45.83
CA TYR A 20 -18.30 6.84 -46.75
C TYR A 20 -17.86 7.02 -48.20
N SER A 21 -18.37 6.16 -49.08
CA SER A 21 -18.04 6.25 -50.51
C SER A 21 -18.91 7.31 -51.15
N HIS A 22 -18.38 8.05 -52.11
CA HIS A 22 -19.17 9.11 -52.72
C HIS A 22 -20.06 8.69 -53.88
N GLU A 23 -19.64 7.68 -54.65
CA GLU A 23 -20.47 7.22 -55.76
C GLU A 23 -20.77 5.74 -55.60
N SER A 24 -21.71 5.40 -54.72
CA SER A 24 -22.09 4.01 -54.53
C SER A 24 -20.93 3.06 -54.21
N LEU A 25 -21.27 1.82 -53.85
CA LEU A 25 -20.24 0.90 -53.39
C LEU A 25 -19.99 -0.22 -54.39
N ASN A 26 -18.87 -0.18 -55.09
CA ASN A 26 -18.43 -1.34 -55.87
C ASN A 26 -17.64 -2.30 -54.98
N TYR A 27 -18.30 -3.34 -54.44
CA TYR A 27 -17.61 -4.21 -53.48
C TYR A 27 -16.36 -4.87 -54.07
N ALA A 28 -15.46 -5.26 -53.17
CA ALA A 28 -14.16 -5.83 -53.52
C ALA A 28 -13.40 -4.91 -54.46
N ASP A 29 -13.39 -3.63 -54.11
CA ASP A 29 -12.66 -2.59 -54.85
C ASP A 29 -12.50 -1.36 -53.95
N SER A 30 -11.38 -0.68 -54.06
CA SER A 30 -11.14 0.59 -53.38
C SER A 30 -12.08 1.67 -53.88
N ASN A 31 -13.06 2.11 -53.11
CA ASN A 31 -13.93 3.13 -53.72
C ASN A 31 -13.69 4.50 -53.08
N PRO A 32 -13.36 5.50 -53.92
CA PRO A 32 -13.13 6.90 -53.57
C PRO A 32 -14.27 7.47 -52.71
N GLY A 33 -13.91 8.19 -51.66
CA GLY A 33 -14.88 8.71 -50.72
C GLY A 33 -14.24 9.66 -49.73
N LYS A 34 -14.82 9.73 -48.54
CA LYS A 34 -14.34 10.60 -47.48
C LYS A 34 -14.16 9.87 -46.16
N ILE A 35 -12.96 10.00 -45.61
CA ILE A 35 -12.59 9.42 -44.33
C ILE A 35 -12.23 10.50 -43.30
N LYS A 36 -12.82 10.41 -42.11
CA LYS A 36 -12.57 11.36 -41.02
C LYS A 36 -12.10 10.67 -39.75
N PHE A 37 -11.06 11.25 -39.13
CA PHE A 37 -10.56 10.79 -37.84
C PHE A 37 -10.98 11.74 -36.73
N THR A 38 -11.95 11.33 -35.92
CA THR A 38 -12.39 12.14 -34.79
C THR A 38 -12.05 11.47 -33.47
N PRO A 39 -11.73 12.25 -32.43
CA PRO A 39 -11.54 11.64 -31.11
C PRO A 39 -12.84 11.10 -30.54
N GLY A 40 -12.82 9.87 -30.03
CA GLY A 40 -14.01 9.23 -29.49
C GLY A 40 -13.78 8.55 -28.15
N GLY A 41 -14.75 7.73 -27.74
CA GLY A 41 -14.66 7.05 -26.46
C GLY A 41 -15.42 7.80 -25.37
N VAL A 42 -16.39 7.11 -24.76
CA VAL A 42 -17.31 7.70 -23.79
C VAL A 42 -16.61 8.55 -22.71
N GLY A 43 -15.62 7.96 -22.04
CA GLY A 43 -14.88 8.66 -21.02
C GLY A 43 -14.19 9.90 -21.53
N ARG A 44 -13.45 9.74 -22.62
CA ARG A 44 -12.73 10.83 -23.26
C ARG A 44 -13.66 11.95 -23.69
N ASN A 45 -14.75 11.58 -24.37
CA ASN A 45 -15.74 12.54 -24.83
C ASN A 45 -16.38 13.33 -23.67
N ILE A 46 -16.73 12.62 -22.61
CA ILE A 46 -17.30 13.25 -21.43
C ILE A 46 -16.30 14.24 -20.83
N ALA A 47 -15.06 13.79 -20.69
CA ALA A 47 -13.98 14.65 -20.19
C ALA A 47 -13.86 15.94 -21.01
N GLN A 48 -13.92 15.80 -22.33
CA GLN A 48 -13.83 16.95 -23.21
C GLN A 48 -14.99 17.92 -22.97
N ASN A 49 -16.21 17.37 -22.92
CA ASN A 49 -17.38 18.22 -22.68
C ASN A 49 -17.30 18.92 -21.32
N LEU A 50 -16.68 18.26 -20.34
CA LEU A 50 -16.52 18.84 -19.02
C LEU A 50 -15.52 20.00 -19.06
N ALA A 51 -14.44 19.82 -19.82
CA ALA A 51 -13.47 20.89 -20.00
C ALA A 51 -14.12 22.09 -20.71
N LEU A 52 -14.92 21.79 -21.74
CA LEU A 52 -15.64 22.83 -22.47
C LEU A 52 -16.72 23.50 -21.63
N LEU A 53 -17.16 22.83 -20.57
CA LEU A 53 -18.14 23.41 -19.65
C LEU A 53 -17.43 24.17 -18.54
N GLY A 54 -16.12 24.29 -18.67
CA GLY A 54 -15.31 25.07 -17.76
C GLY A 54 -14.91 24.37 -16.48
N ASN A 55 -14.76 23.06 -16.55
CA ASN A 55 -14.32 22.28 -15.39
C ASN A 55 -12.91 21.76 -15.58
N LYS A 56 -12.12 21.77 -14.51
CA LYS A 56 -10.80 21.15 -14.56
C LYS A 56 -10.96 19.64 -14.59
N ALA A 57 -10.73 19.04 -15.75
CA ALA A 57 -11.05 17.63 -15.94
C ALA A 57 -9.81 16.77 -16.19
N TRP A 58 -9.65 15.73 -15.38
CA TRP A 58 -8.56 14.78 -15.52
C TRP A 58 -9.06 13.46 -16.07
N LEU A 59 -8.48 13.02 -17.18
CA LEU A 59 -8.88 11.76 -17.78
C LEU A 59 -7.96 10.63 -17.33
N LEU A 60 -8.56 9.56 -16.84
CA LEU A 60 -7.81 8.37 -16.46
C LEU A 60 -8.20 7.24 -17.42
N SER A 61 -7.39 7.07 -18.45
CA SER A 61 -7.69 6.12 -19.51
C SER A 61 -6.46 5.33 -19.94
N ALA A 62 -6.58 4.58 -21.03
CA ALA A 62 -5.46 3.84 -21.59
C ALA A 62 -5.38 3.98 -23.11
N VAL A 63 -4.20 4.36 -23.60
CA VAL A 63 -3.94 4.39 -25.04
C VAL A 63 -2.69 3.56 -25.36
N GLY A 64 -2.46 3.31 -26.64
CA GLY A 64 -1.36 2.47 -27.07
C GLY A 64 -0.03 3.20 -27.16
N SER A 65 1.04 2.43 -27.35
CA SER A 65 2.37 3.00 -27.53
C SER A 65 2.54 3.61 -28.92
N ASP A 66 1.58 3.35 -29.79
CA ASP A 66 1.60 3.92 -31.15
C ASP A 66 1.47 5.43 -31.11
N PHE A 67 1.89 6.08 -32.19
CA PHE A 67 1.97 7.53 -32.27
C PHE A 67 0.58 8.17 -32.29
N TYR A 68 -0.38 7.44 -32.86
CA TYR A 68 -1.73 7.94 -33.07
C TYR A 68 -2.50 8.06 -31.75
N GLY A 69 -2.16 7.23 -30.78
CA GLY A 69 -2.73 7.33 -29.45
C GLY A 69 -2.25 8.59 -28.77
N GLN A 70 -0.97 8.88 -28.97
CA GLN A 70 -0.34 10.04 -28.36
C GLN A 70 -0.89 11.32 -28.99
N SER A 71 -1.27 11.24 -30.26
CA SER A 71 -1.92 12.38 -30.91
C SER A 71 -3.37 12.51 -30.44
N LEU A 72 -3.99 11.39 -30.09
CA LEU A 72 -5.31 11.41 -29.49
C LEU A 72 -5.26 12.17 -28.17
N LEU A 73 -4.32 11.77 -27.32
CA LEU A 73 -4.06 12.45 -26.05
C LEU A 73 -3.77 13.93 -26.27
N THR A 74 -3.00 14.25 -27.30
CA THR A 74 -2.67 15.65 -27.60
C THR A 74 -3.88 16.50 -27.99
N GLN A 75 -4.70 16.01 -28.91
CA GLN A 75 -5.93 16.69 -29.30
C GLN A 75 -6.85 16.90 -28.09
N THR A 76 -6.97 15.84 -27.28
CA THR A 76 -7.81 15.89 -26.09
C THR A 76 -7.27 16.94 -25.12
N ASN A 77 -5.94 16.99 -25.00
CA ASN A 77 -5.29 17.97 -24.14
C ASN A 77 -5.54 19.39 -24.60
N GLN A 78 -5.66 19.57 -25.92
CA GLN A 78 -5.91 20.90 -26.46
C GLN A 78 -7.40 21.19 -26.47
N SER A 79 -8.20 20.23 -25.99
CA SER A 79 -9.57 20.54 -25.62
C SER A 79 -9.69 21.09 -24.19
N GLY A 80 -8.57 21.13 -23.47
CA GLY A 80 -8.58 21.59 -22.09
C GLY A 80 -8.41 20.49 -21.06
N VAL A 81 -8.54 19.25 -21.51
CA VAL A 81 -8.44 18.08 -20.64
C VAL A 81 -7.01 17.79 -20.21
N TYR A 82 -6.84 17.43 -18.93
CA TYR A 82 -5.54 17.03 -18.41
C TYR A 82 -5.34 15.53 -18.59
N VAL A 83 -4.43 15.17 -19.48
CA VAL A 83 -4.23 13.77 -19.87
C VAL A 83 -2.96 13.17 -19.29
N ASP A 84 -2.38 13.84 -18.30
CA ASP A 84 -1.04 13.50 -17.83
C ASP A 84 -0.99 12.19 -17.05
N LYS A 85 -2.16 11.73 -16.58
CA LYS A 85 -2.22 10.48 -15.85
C LYS A 85 -2.70 9.31 -16.70
N CYS A 86 -3.05 9.58 -17.95
CA CYS A 86 -3.48 8.52 -18.86
C CYS A 86 -2.36 7.51 -19.07
N LEU A 87 -2.68 6.25 -18.82
CA LEU A 87 -1.74 5.15 -19.00
C LEU A 87 -1.45 4.93 -20.49
N ILE A 88 -0.17 4.91 -20.85
CA ILE A 88 0.20 4.55 -22.22
C ILE A 88 0.77 3.14 -22.23
N VAL A 89 0.11 2.25 -22.96
CA VAL A 89 0.46 0.83 -22.94
C VAL A 89 1.40 0.43 -24.06
N PRO A 90 2.59 -0.06 -23.68
CA PRO A 90 3.61 -0.50 -24.64
C PRO A 90 3.24 -1.84 -25.29
N GLY A 91 3.52 -1.96 -26.58
CA GLY A 91 3.30 -3.21 -27.29
C GLY A 91 1.84 -3.46 -27.58
N GLU A 92 1.01 -2.43 -27.40
CA GLU A 92 -0.40 -2.55 -27.72
C GLU A 92 -0.80 -1.36 -28.55
N ASN A 93 -1.97 -1.44 -29.18
CA ASN A 93 -2.42 -0.39 -30.08
C ASN A 93 -3.65 0.33 -29.55
N THR A 94 -3.74 1.62 -29.86
CA THR A 94 -4.84 2.45 -29.39
C THR A 94 -6.19 1.98 -29.92
N SER A 95 -7.18 1.94 -29.04
CA SER A 95 -8.51 1.45 -29.37
C SER A 95 -9.16 2.35 -30.41
N SER A 96 -10.12 1.79 -31.16
CA SER A 96 -10.72 2.53 -32.26
C SER A 96 -12.13 2.05 -32.63
N TYR A 97 -12.92 2.96 -33.20
CA TYR A 97 -14.24 2.60 -33.70
C TYR A 97 -14.34 2.87 -35.19
N LEU A 98 -14.29 1.80 -35.97
CA LEU A 98 -14.39 1.83 -37.42
C LEU A 98 -15.84 1.88 -37.87
N SER A 99 -16.18 2.81 -38.75
CA SER A 99 -17.57 2.98 -39.19
C SER A 99 -17.69 3.22 -40.69
N LEU A 100 -18.34 2.29 -41.37
CA LEU A 100 -18.63 2.40 -42.79
C LEU A 100 -20.08 2.85 -43.00
N LEU A 101 -20.22 4.08 -43.51
CA LEU A 101 -21.50 4.72 -43.79
C LEU A 101 -21.71 4.85 -45.30
N ASP A 102 -22.72 5.62 -45.70
CA ASP A 102 -22.90 5.95 -47.12
C ASP A 102 -23.17 7.43 -47.37
N ASN A 103 -23.43 7.77 -48.63
CA ASN A 103 -23.70 9.16 -49.03
C ASN A 103 -24.66 9.90 -48.10
N THR A 104 -25.76 9.24 -47.77
CA THR A 104 -26.75 9.81 -46.86
C THR A 104 -26.19 10.00 -45.46
N GLY A 105 -25.41 9.03 -45.00
CA GLY A 105 -24.88 9.08 -43.65
C GLY A 105 -25.44 8.00 -42.75
N GLU A 106 -25.93 6.93 -43.36
CA GLU A 106 -26.50 5.83 -42.61
C GLU A 106 -25.42 4.77 -42.42
N MET A 107 -25.21 4.34 -41.18
CA MET A 107 -24.17 3.36 -40.90
C MET A 107 -24.49 2.02 -41.53
N LEU A 108 -23.67 1.60 -42.48
CA LEU A 108 -23.81 0.28 -43.09
C LEU A 108 -23.21 -0.78 -42.18
N VAL A 109 -21.95 -0.60 -41.77
CA VAL A 109 -21.36 -1.59 -40.87
C VAL A 109 -20.36 -0.92 -39.92
N ALA A 110 -20.08 -1.55 -38.78
CA ALA A 110 -19.12 -0.98 -37.83
C ALA A 110 -18.33 -2.03 -37.07
N ILE A 111 -17.07 -1.71 -36.77
CA ILE A 111 -16.17 -2.58 -36.02
C ILE A 111 -15.62 -1.82 -34.82
N ASN A 112 -15.38 -2.50 -33.70
CA ASN A 112 -14.73 -1.86 -32.56
C ASN A 112 -13.61 -2.70 -31.96
N ASP A 113 -12.45 -2.08 -31.76
CA ASP A 113 -11.31 -2.72 -31.12
C ASP A 113 -11.01 -2.04 -29.80
N MET A 114 -11.81 -2.35 -28.77
CA MET A 114 -11.71 -1.66 -27.49
C MET A 114 -11.09 -2.51 -26.37
N ASN A 115 -10.08 -3.31 -26.71
CA ASN A 115 -9.50 -4.23 -25.74
C ASN A 115 -8.59 -3.53 -24.72
N ILE A 116 -8.00 -2.42 -25.13
CA ILE A 116 -7.05 -1.74 -24.27
C ILE A 116 -7.77 -1.04 -23.10
N SER A 117 -9.10 -1.05 -23.15
CA SER A 117 -9.91 -0.60 -22.01
C SER A 117 -9.65 -1.48 -20.80
N ASN A 118 -9.19 -2.71 -21.06
CA ASN A 118 -8.89 -3.64 -20.00
C ASN A 118 -7.53 -3.35 -19.36
N ALA A 119 -6.78 -2.44 -19.95
CA ALA A 119 -5.53 -1.99 -19.35
C ALA A 119 -5.82 -0.98 -18.24
N ILE A 120 -7.03 -0.41 -18.25
CA ILE A 120 -7.45 0.47 -17.18
C ILE A 120 -7.76 -0.41 -15.97
N THR A 121 -6.68 -0.88 -15.33
CA THR A 121 -6.78 -1.88 -14.29
C THR A 121 -6.84 -1.25 -12.90
N ALA A 122 -7.28 -2.02 -11.91
CA ALA A 122 -7.43 -1.52 -10.55
C ALA A 122 -6.11 -1.07 -9.94
N GLU A 123 -5.03 -1.74 -10.32
CA GLU A 123 -3.68 -1.34 -9.92
C GLU A 123 -3.37 0.07 -10.39
N TYR A 124 -3.73 0.35 -11.64
CA TYR A 124 -3.50 1.65 -12.26
C TYR A 124 -4.21 2.77 -11.50
N LEU A 125 -5.51 2.63 -11.25
CA LEU A 125 -6.24 3.66 -10.52
C LEU A 125 -5.77 3.73 -9.07
N ALA A 126 -5.32 2.59 -8.53
CA ALA A 126 -4.77 2.54 -7.18
C ALA A 126 -3.52 3.42 -7.09
N GLN A 127 -2.77 3.50 -8.19
CA GLN A 127 -1.61 4.39 -8.22
C GLN A 127 -2.02 5.87 -8.18
N HIS A 128 -3.31 6.13 -8.38
CA HIS A 128 -3.84 7.49 -8.30
C HIS A 128 -4.96 7.61 -7.28
N ARG A 129 -5.00 6.67 -6.33
CA ARG A 129 -6.06 6.61 -5.32
C ARG A 129 -6.38 7.95 -4.64
N GLU A 130 -5.37 8.60 -4.08
CA GLU A 130 -5.56 9.83 -3.33
C GLU A 130 -6.07 10.99 -4.21
N PHE A 131 -5.47 11.13 -5.38
CA PHE A 131 -5.91 12.12 -6.36
C PHE A 131 -7.39 11.91 -6.72
N ILE A 132 -7.75 10.66 -6.99
CA ILE A 132 -9.13 10.30 -7.29
C ILE A 132 -10.06 10.65 -6.12
N GLN A 133 -9.62 10.34 -4.91
CA GLN A 133 -10.44 10.56 -3.73
C GLN A 133 -10.52 12.03 -3.34
N ARG A 134 -9.74 12.86 -4.01
CA ARG A 134 -9.80 14.30 -3.75
C ARG A 134 -10.48 15.10 -4.86
N ALA A 135 -11.12 14.40 -5.79
CA ALA A 135 -11.93 15.05 -6.83
C ALA A 135 -13.29 15.47 -6.27
N LYS A 136 -13.94 16.43 -6.92
CA LYS A 136 -15.27 16.87 -6.50
C LYS A 136 -16.33 15.89 -6.98
N VAL A 137 -16.05 15.22 -8.09
CA VAL A 137 -16.94 14.17 -8.59
C VAL A 137 -16.15 13.23 -9.51
N ILE A 138 -16.49 11.95 -9.47
CA ILE A 138 -15.89 10.94 -10.35
C ILE A 138 -16.89 10.44 -11.39
N VAL A 139 -16.54 10.50 -12.66
CA VAL A 139 -17.38 9.95 -13.71
C VAL A 139 -16.74 8.71 -14.33
N ALA A 140 -17.50 7.61 -14.36
CA ALA A 140 -16.99 6.35 -14.90
C ALA A 140 -17.91 5.78 -15.96
N ASP A 141 -17.33 5.20 -17.01
CA ASP A 141 -18.12 4.52 -18.03
C ASP A 141 -17.98 3.02 -17.86
N CYS A 142 -18.91 2.26 -18.43
CA CYS A 142 -18.90 0.82 -18.23
C CYS A 142 -18.12 0.08 -19.32
N ASN A 143 -17.28 0.81 -20.05
CA ASN A 143 -16.34 0.19 -20.97
C ASN A 143 -15.21 -0.50 -20.20
N ILE A 144 -14.93 -0.01 -19.00
CA ILE A 144 -13.89 -0.59 -18.18
C ILE A 144 -14.36 -1.93 -17.62
N SER A 145 -13.44 -2.70 -17.05
CA SER A 145 -13.76 -4.02 -16.51
C SER A 145 -14.61 -3.94 -15.24
N GLU A 146 -15.25 -5.05 -14.92
CA GLU A 146 -16.05 -5.17 -13.70
C GLU A 146 -15.16 -4.97 -12.46
N GLU A 147 -13.94 -5.48 -12.52
CA GLU A 147 -12.97 -5.28 -11.45
C GLU A 147 -12.64 -3.81 -11.24
N ALA A 148 -12.47 -3.08 -12.35
CA ALA A 148 -12.08 -1.68 -12.30
C ALA A 148 -13.20 -0.82 -11.73
N LEU A 149 -14.42 -1.05 -12.23
CA LEU A 149 -15.60 -0.34 -11.74
C LEU A 149 -15.81 -0.61 -10.26
N ALA A 150 -15.65 -1.89 -9.89
CA ALA A 150 -15.78 -2.30 -8.50
C ALA A 150 -14.77 -1.57 -7.63
N TRP A 151 -13.52 -1.50 -8.09
CA TRP A 151 -12.50 -0.74 -7.36
C TRP A 151 -12.92 0.71 -7.18
N ILE A 152 -13.36 1.36 -8.26
CA ILE A 152 -13.78 2.75 -8.18
C ILE A 152 -14.87 2.95 -7.13
N LEU A 153 -15.94 2.16 -7.25
CA LEU A 153 -17.08 2.30 -6.35
C LEU A 153 -16.71 1.96 -4.91
N ASP A 154 -15.72 1.09 -4.73
CA ASP A 154 -15.28 0.68 -3.39
C ASP A 154 -14.30 1.66 -2.75
N ASN A 155 -13.67 2.50 -3.57
CA ASN A 155 -12.65 3.43 -3.06
C ASN A 155 -12.95 4.89 -3.36
N ALA A 156 -14.23 5.23 -3.46
CA ALA A 156 -14.62 6.58 -3.83
C ALA A 156 -14.52 7.55 -2.66
N ALA A 157 -14.45 7.01 -1.45
CA ALA A 157 -14.29 7.81 -0.24
C ALA A 157 -15.34 8.93 -0.17
N ASN A 158 -16.60 8.54 -0.40
CA ASN A 158 -17.74 9.44 -0.36
C ASN A 158 -17.76 10.50 -1.45
N VAL A 159 -16.88 10.36 -2.45
CA VAL A 159 -16.98 11.20 -3.63
C VAL A 159 -18.03 10.60 -4.55
N PRO A 160 -19.03 11.41 -4.94
CA PRO A 160 -20.13 10.95 -5.82
C PRO A 160 -19.61 10.36 -7.13
N VAL A 161 -20.06 9.15 -7.45
CA VAL A 161 -19.71 8.54 -8.73
C VAL A 161 -20.89 8.54 -9.69
N PHE A 162 -20.74 9.28 -10.78
CA PHE A 162 -21.69 9.30 -11.88
C PHE A 162 -21.29 8.22 -12.89
N VAL A 163 -22.21 7.30 -13.17
CA VAL A 163 -21.89 6.17 -14.04
C VAL A 163 -22.68 6.18 -15.35
N ASP A 164 -21.94 6.13 -16.47
CA ASP A 164 -22.53 5.96 -17.79
C ASP A 164 -22.50 4.48 -18.19
N PRO A 165 -23.68 3.88 -18.33
CA PRO A 165 -23.82 2.44 -18.60
C PRO A 165 -23.43 2.03 -20.02
N VAL A 166 -23.29 3.00 -20.92
CA VAL A 166 -22.74 2.81 -22.27
C VAL A 166 -23.66 2.03 -23.21
N SER A 167 -23.84 0.74 -22.95
CA SER A 167 -24.66 -0.10 -23.82
C SER A 167 -25.44 -1.15 -23.04
N ALA A 168 -26.36 -1.83 -23.72
CA ALA A 168 -27.17 -2.86 -23.09
C ALA A 168 -26.33 -4.05 -22.63
N TRP A 169 -25.23 -4.29 -23.34
CA TRP A 169 -24.33 -5.40 -23.02
C TRP A 169 -23.39 -5.04 -21.87
N LYS A 170 -22.96 -3.78 -21.85
CA LYS A 170 -21.92 -3.35 -20.91
C LYS A 170 -22.49 -2.82 -19.59
N CYS A 171 -23.79 -2.57 -19.54
CA CYS A 171 -24.41 -2.00 -18.36
C CYS A 171 -24.60 -3.00 -17.21
N VAL A 172 -24.63 -4.29 -17.53
CA VAL A 172 -24.99 -5.30 -16.54
C VAL A 172 -24.05 -5.31 -15.32
N LYS A 173 -22.80 -4.90 -15.52
CA LYS A 173 -21.81 -4.90 -14.46
C LYS A 173 -22.21 -3.93 -13.34
N VAL A 174 -23.25 -3.16 -13.59
CA VAL A 174 -23.73 -2.15 -12.66
C VAL A 174 -24.82 -2.69 -11.72
N ARG A 175 -25.49 -3.77 -12.14
CA ARG A 175 -26.68 -4.26 -11.44
C ARG A 175 -26.48 -4.52 -9.95
N ASP A 176 -25.37 -5.17 -9.59
CA ASP A 176 -25.13 -5.53 -8.19
C ASP A 176 -24.49 -4.42 -7.37
N ARG A 177 -24.30 -3.24 -7.98
CA ARG A 177 -23.59 -2.16 -7.28
C ARG A 177 -24.32 -0.82 -7.38
N LEU A 178 -25.63 -0.89 -7.60
CA LEU A 178 -26.46 0.30 -7.69
C LEU A 178 -26.43 1.10 -6.39
N ASN A 179 -26.22 0.42 -5.26
CA ASN A 179 -26.14 1.10 -3.98
C ASN A 179 -24.88 1.96 -3.84
N GLN A 180 -23.91 1.78 -4.74
CA GLN A 180 -22.67 2.53 -4.68
C GLN A 180 -22.60 3.65 -5.70
N ILE A 181 -23.67 3.87 -6.44
CA ILE A 181 -23.67 4.86 -7.51
C ILE A 181 -24.56 6.05 -7.20
N HIS A 182 -23.98 7.25 -7.28
CA HIS A 182 -24.74 8.48 -7.05
C HIS A 182 -25.78 8.70 -8.13
N THR A 183 -25.35 8.63 -9.38
CA THR A 183 -26.23 8.90 -10.52
C THR A 183 -25.97 7.93 -11.67
N LEU A 184 -27.03 7.28 -12.14
CA LEU A 184 -26.94 6.42 -13.31
C LEU A 184 -27.76 7.01 -14.45
N LYS A 185 -27.25 6.93 -15.67
CA LYS A 185 -27.92 7.50 -16.83
C LYS A 185 -28.14 6.46 -17.94
N PRO A 186 -29.14 5.58 -17.76
CA PRO A 186 -29.41 4.58 -18.79
C PRO A 186 -30.44 5.07 -19.81
N ASN A 187 -30.48 4.44 -20.98
CA ASN A 187 -31.57 4.65 -21.91
C ASN A 187 -32.64 3.60 -21.68
N ARG A 188 -33.65 3.55 -22.54
CA ARG A 188 -34.72 2.55 -22.42
C ARG A 188 -34.18 1.13 -22.34
N LEU A 189 -33.38 0.75 -23.34
CA LEU A 189 -32.89 -0.61 -23.45
C LEU A 189 -32.03 -0.99 -22.25
N GLU A 190 -31.16 -0.09 -21.83
CA GLU A 190 -30.28 -0.33 -20.70
C GLU A 190 -31.08 -0.50 -19.40
N ALA A 191 -32.07 0.36 -19.20
CA ALA A 191 -32.93 0.28 -18.01
C ALA A 191 -33.72 -1.02 -17.99
N GLU A 192 -34.23 -1.43 -19.15
CA GLU A 192 -34.96 -2.69 -19.26
C GLU A 192 -34.05 -3.88 -18.96
N THR A 193 -32.85 -3.83 -19.50
CA THR A 193 -31.86 -4.89 -19.31
C THR A 193 -31.46 -5.02 -17.84
N LEU A 194 -31.28 -3.89 -17.17
CA LEU A 194 -30.91 -3.90 -15.76
C LEU A 194 -32.06 -4.37 -14.87
N SER A 195 -33.20 -3.68 -14.98
CA SER A 195 -34.33 -3.91 -14.09
C SER A 195 -35.05 -5.24 -14.35
N GLY A 196 -34.99 -5.71 -15.60
CA GLY A 196 -35.76 -6.88 -16.00
C GLY A 196 -37.22 -6.54 -16.21
N ILE A 197 -37.52 -5.25 -16.35
CA ILE A 197 -38.88 -4.79 -16.56
C ILE A 197 -38.99 -4.04 -17.89
N ALA A 198 -39.92 -4.46 -18.73
CA ALA A 198 -40.09 -3.84 -20.04
C ALA A 198 -40.69 -2.44 -19.91
N LEU A 199 -40.20 -1.51 -20.71
CA LEU A 199 -40.73 -0.15 -20.75
C LEU A 199 -41.59 0.06 -21.99
N SER A 200 -42.73 -0.63 -22.03
CA SER A 200 -43.63 -0.55 -23.17
C SER A 200 -44.36 0.78 -23.21
N GLY A 201 -44.73 1.28 -22.03
CA GLY A 201 -45.41 2.55 -21.93
C GLY A 201 -44.75 3.39 -20.85
N ARG A 202 -45.18 4.64 -20.72
CA ARG A 202 -44.61 5.52 -19.72
C ARG A 202 -45.12 5.16 -18.34
N ASP A 203 -46.26 4.49 -18.29
CA ASP A 203 -46.82 4.01 -17.04
C ASP A 203 -45.86 3.02 -16.39
N ASP A 204 -44.90 2.54 -17.18
CA ASP A 204 -43.90 1.61 -16.69
C ASP A 204 -42.69 2.30 -16.06
N VAL A 205 -42.45 3.56 -16.38
CA VAL A 205 -41.21 4.20 -15.91
C VAL A 205 -41.17 4.21 -14.38
N ALA A 206 -42.31 4.53 -13.77
CA ALA A 206 -42.40 4.58 -12.32
C ALA A 206 -41.96 3.23 -11.77
N LYS A 207 -42.48 2.19 -12.38
CA LYS A 207 -42.22 0.82 -11.93
C LYS A 207 -40.73 0.59 -12.01
N VAL A 208 -40.16 0.97 -13.15
CA VAL A 208 -38.74 0.77 -13.38
C VAL A 208 -37.96 1.54 -12.33
N ALA A 209 -38.38 2.78 -12.12
CA ALA A 209 -37.67 3.65 -11.19
C ALA A 209 -37.71 3.01 -9.82
N ALA A 210 -38.87 2.48 -9.45
CA ALA A 210 -39.03 1.91 -8.11
C ALA A 210 -38.01 0.81 -7.94
N TRP A 211 -37.86 0.00 -8.98
CA TRP A 211 -36.96 -1.14 -8.91
C TRP A 211 -35.56 -0.64 -8.63
N PHE A 212 -35.17 0.39 -9.36
CA PHE A 212 -33.81 0.91 -9.23
C PHE A 212 -33.62 1.39 -7.81
N HIS A 213 -34.63 2.09 -7.29
CA HIS A 213 -34.51 2.68 -5.97
C HIS A 213 -34.50 1.58 -4.93
N GLN A 214 -35.21 0.49 -5.20
CA GLN A 214 -35.26 -0.60 -4.25
C GLN A 214 -33.92 -1.32 -4.21
N HIS A 215 -33.13 -1.20 -5.28
CA HIS A 215 -31.84 -1.85 -5.29
C HIS A 215 -30.71 -0.90 -4.92
N GLY A 216 -31.08 0.27 -4.39
CA GLY A 216 -30.13 1.16 -3.77
C GLY A 216 -29.62 2.34 -4.59
N LEU A 217 -30.12 2.52 -5.80
CA LEU A 217 -29.69 3.64 -6.64
C LEU A 217 -30.19 4.97 -6.12
N ASN A 218 -29.27 5.90 -5.91
CA ASN A 218 -29.59 7.24 -5.40
C ASN A 218 -30.39 8.07 -6.39
N ARG A 219 -29.86 8.24 -7.59
CA ARG A 219 -30.52 9.03 -8.62
C ARG A 219 -30.54 8.35 -9.98
N LEU A 220 -31.70 8.39 -10.63
CA LEU A 220 -31.85 7.81 -11.95
C LEU A 220 -32.18 8.88 -12.97
N VAL A 221 -31.42 8.90 -14.07
CA VAL A 221 -31.69 9.77 -15.20
C VAL A 221 -31.92 8.90 -16.42
N LEU A 222 -33.20 8.65 -16.69
CA LEU A 222 -33.62 7.72 -17.73
C LEU A 222 -33.94 8.43 -19.05
N SER A 223 -33.04 8.33 -20.02
CA SER A 223 -33.27 8.93 -21.33
C SER A 223 -34.22 8.06 -22.15
N MET A 224 -35.33 8.65 -22.56
CA MET A 224 -36.34 7.92 -23.33
C MET A 224 -36.45 8.46 -24.75
N GLY A 225 -35.37 9.09 -25.20
CA GLY A 225 -35.29 9.62 -26.55
C GLY A 225 -36.29 10.73 -26.81
N GLY A 226 -37.24 10.47 -27.69
CA GLY A 226 -38.22 11.46 -28.09
C GLY A 226 -39.31 11.69 -27.07
N ASP A 227 -39.48 10.74 -26.15
CA ASP A 227 -40.48 10.87 -25.09
C ASP A 227 -39.86 11.75 -24.00
N GLY A 228 -38.53 11.80 -23.97
CA GLY A 228 -37.82 12.72 -23.08
C GLY A 228 -36.94 12.06 -22.04
N VAL A 229 -36.74 12.76 -20.94
CA VAL A 229 -35.96 12.21 -19.82
C VAL A 229 -36.80 12.12 -18.55
N TYR A 230 -36.86 10.94 -17.96
CA TYR A 230 -37.49 10.78 -16.65
C TYR A 230 -36.42 10.79 -15.57
N TYR A 231 -36.55 11.67 -14.59
CA TYR A 231 -35.57 11.69 -13.49
C TYR A 231 -36.23 11.30 -12.18
N SER A 232 -35.52 10.51 -11.38
CA SER A 232 -36.05 10.05 -10.10
C SER A 232 -35.00 10.03 -8.99
N ASP A 233 -35.32 10.67 -7.87
CA ASP A 233 -34.46 10.66 -6.68
C ASP A 233 -35.01 9.69 -5.64
N ILE A 234 -34.13 8.90 -5.05
CA ILE A 234 -34.51 7.92 -4.02
C ILE A 234 -35.21 8.58 -2.82
N ARG A 235 -35.05 9.90 -2.67
CA ARG A 235 -35.70 10.63 -1.59
C ARG A 235 -37.13 11.04 -1.95
N GLY A 236 -37.58 10.66 -3.13
CA GLY A 236 -38.97 10.90 -3.53
C GLY A 236 -39.23 11.86 -4.68
N GLU A 237 -38.29 12.76 -4.97
CA GLU A 237 -38.45 13.68 -6.09
C GLU A 237 -38.35 12.96 -7.44
N ASN A 238 -39.37 13.14 -8.29
CA ASN A 238 -39.34 12.60 -9.64
C ASN A 238 -40.11 13.46 -10.63
N GLY A 239 -39.72 13.40 -11.91
CA GLY A 239 -40.40 14.18 -12.93
C GLY A 239 -40.04 13.84 -14.36
N TRP A 240 -40.73 14.47 -15.30
CA TRP A 240 -40.46 14.33 -16.73
C TRP A 240 -39.91 15.64 -17.27
N SER A 241 -38.94 15.53 -18.17
CA SER A 241 -38.43 16.67 -18.91
C SER A 241 -38.57 16.39 -20.40
N ALA A 242 -39.33 17.24 -21.08
CA ALA A 242 -39.57 17.08 -22.51
C ALA A 242 -38.25 17.28 -23.26
N PRO A 243 -38.10 16.61 -24.42
CA PRO A 243 -36.87 16.75 -25.20
C PRO A 243 -36.71 18.16 -25.75
N ILE A 244 -35.47 18.64 -25.83
CA ILE A 244 -35.19 19.91 -26.48
C ILE A 244 -35.31 19.76 -28.00
N LYS A 245 -36.23 20.55 -28.55
CA LYS A 245 -36.44 20.69 -29.99
C LYS A 245 -35.10 20.91 -30.67
N THR A 246 -34.62 19.92 -31.40
CA THR A 246 -33.30 20.03 -32.02
C THR A 246 -33.32 19.55 -33.46
N ASN A 247 -32.59 20.27 -34.32
CA ASN A 247 -32.30 19.78 -35.65
C ASN A 247 -31.17 18.77 -35.59
N VAL A 248 -31.54 17.48 -35.55
CA VAL A 248 -30.55 16.42 -35.40
C VAL A 248 -29.81 16.15 -36.70
N ILE A 249 -28.51 16.42 -36.71
CA ILE A 249 -27.68 16.11 -37.87
C ILE A 249 -26.83 14.87 -37.59
N ASN A 250 -26.24 14.79 -36.41
CA ASN A 250 -25.55 13.58 -35.97
C ASN A 250 -25.91 13.22 -34.52
N VAL A 251 -26.31 11.97 -34.29
CA VAL A 251 -26.76 11.56 -32.96
C VAL A 251 -25.61 11.20 -32.03
N THR A 252 -24.39 11.10 -32.58
CA THR A 252 -23.24 10.72 -31.78
C THR A 252 -22.88 11.80 -30.76
N GLY A 253 -22.44 11.38 -29.58
CA GLY A 253 -21.98 12.31 -28.56
C GLY A 253 -23.06 12.93 -27.69
N ALA A 254 -24.32 12.56 -27.93
CA ALA A 254 -25.44 13.10 -27.18
C ALA A 254 -25.37 12.75 -25.69
N GLY A 255 -25.30 11.45 -25.40
CA GLY A 255 -25.24 10.95 -24.04
C GLY A 255 -24.00 11.43 -23.30
N ASP A 256 -22.91 11.61 -24.04
CA ASP A 256 -21.65 12.08 -23.45
C ASP A 256 -21.82 13.51 -22.94
N ALA A 257 -22.48 14.33 -23.76
CA ALA A 257 -22.75 15.71 -23.41
C ALA A 257 -23.73 15.78 -22.24
N MET A 258 -24.72 14.90 -22.26
CA MET A 258 -25.68 14.83 -21.15
C MET A 258 -25.00 14.50 -19.82
N MET A 259 -24.17 13.44 -19.83
CA MET A 259 -23.45 13.04 -18.63
C MET A 259 -22.59 14.19 -18.10
N ALA A 260 -21.87 14.83 -19.03
CA ALA A 260 -21.01 15.96 -18.66
C ALA A 260 -21.83 17.08 -18.02
N GLY A 261 -22.99 17.37 -18.61
CA GLY A 261 -23.91 18.36 -18.06
C GLY A 261 -24.34 18.02 -16.64
N LEU A 262 -24.69 16.76 -16.42
CA LEU A 262 -25.13 16.31 -15.10
C LEU A 262 -24.05 16.50 -14.05
N ALA A 263 -22.84 16.00 -14.34
CA ALA A 263 -21.73 16.12 -13.40
C ALA A 263 -21.35 17.58 -13.12
N SER A 264 -21.26 18.37 -14.20
CA SER A 264 -20.90 19.78 -14.08
C SER A 264 -21.91 20.53 -13.22
N CYS A 265 -23.19 20.28 -13.48
CA CYS A 265 -24.24 20.94 -12.71
C CYS A 265 -24.23 20.52 -11.24
N TRP A 266 -23.94 19.24 -10.99
CA TRP A 266 -23.83 18.79 -9.60
C TRP A 266 -22.71 19.54 -8.89
N VAL A 267 -21.57 19.68 -9.55
CA VAL A 267 -20.44 20.42 -8.97
C VAL A 267 -20.80 21.89 -8.74
N ASP A 268 -21.62 22.46 -9.62
CA ASP A 268 -22.00 23.87 -9.51
C ASP A 268 -23.13 24.12 -8.50
N GLY A 269 -23.53 23.08 -7.78
CA GLY A 269 -24.54 23.21 -6.74
C GLY A 269 -25.97 23.36 -7.21
N MET A 270 -26.22 23.00 -8.47
CA MET A 270 -27.57 23.08 -9.05
C MET A 270 -28.48 21.97 -8.54
N PRO A 271 -29.79 22.28 -8.41
CA PRO A 271 -30.80 21.28 -8.08
C PRO A 271 -30.91 20.21 -9.17
N PHE A 272 -31.53 19.08 -8.82
CA PHE A 272 -31.61 17.91 -9.69
C PHE A 272 -32.30 18.21 -11.04
N ALA A 273 -33.55 18.66 -10.97
CA ALA A 273 -34.37 18.90 -12.16
C ALA A 273 -33.71 19.85 -13.17
N GLU A 274 -33.24 20.99 -12.69
CA GLU A 274 -32.62 21.98 -13.55
C GLU A 274 -31.29 21.47 -14.10
N SER A 275 -30.62 20.61 -13.34
CA SER A 275 -29.41 19.94 -13.83
C SER A 275 -29.76 19.03 -14.99
N VAL A 276 -30.93 18.39 -14.91
CA VAL A 276 -31.39 17.50 -15.97
C VAL A 276 -31.73 18.30 -17.22
N ARG A 277 -32.43 19.42 -17.06
CA ARG A 277 -32.77 20.28 -18.18
C ARG A 277 -31.50 20.78 -18.87
N PHE A 278 -30.53 21.22 -18.05
CA PHE A 278 -29.24 21.68 -18.56
C PHE A 278 -28.53 20.58 -19.35
N ALA A 279 -28.56 19.37 -18.81
CA ALA A 279 -27.90 18.23 -19.43
C ALA A 279 -28.54 17.95 -20.79
N GLN A 280 -29.87 18.09 -20.83
CA GLN A 280 -30.62 17.97 -22.06
C GLN A 280 -30.18 19.02 -23.07
N GLY A 281 -29.90 20.23 -22.58
CA GLY A 281 -29.39 21.28 -23.44
C GLY A 281 -28.04 20.92 -24.03
N CYS A 282 -27.20 20.30 -23.21
CA CYS A 282 -25.88 19.86 -23.68
C CYS A 282 -26.02 18.81 -24.78
N SER A 283 -26.90 17.84 -24.55
CA SER A 283 -27.12 16.78 -25.53
C SER A 283 -27.68 17.38 -26.81
N SER A 284 -28.51 18.42 -26.65
CA SER A 284 -29.07 19.15 -27.78
C SER A 284 -27.97 19.78 -28.62
N MET A 285 -27.02 20.43 -27.95
CA MET A 285 -25.87 20.99 -28.66
C MET A 285 -25.07 19.91 -29.38
N ALA A 286 -24.94 18.74 -28.74
CA ALA A 286 -24.25 17.62 -29.36
C ALA A 286 -24.96 17.11 -30.62
N LEU A 287 -26.28 17.08 -30.58
CA LEU A 287 -27.09 16.57 -31.68
C LEU A 287 -27.04 17.48 -32.89
N SER A 288 -26.90 18.78 -32.64
CA SER A 288 -26.90 19.79 -33.71
C SER A 288 -25.52 19.95 -34.35
N CYS A 289 -24.61 19.03 -34.04
CA CYS A 289 -23.23 19.13 -34.51
C CYS A 289 -22.80 17.88 -35.27
N GLU A 290 -21.90 18.05 -36.24
CA GLU A 290 -21.42 16.92 -37.03
C GLU A 290 -20.41 16.07 -36.27
N TYR A 291 -19.71 16.69 -35.33
CA TYR A 291 -18.74 15.99 -34.50
C TYR A 291 -19.35 15.38 -33.25
N THR A 292 -18.62 14.43 -32.68
CA THR A 292 -19.02 13.79 -31.43
C THR A 292 -19.07 14.84 -30.32
N ASN A 293 -18.09 15.74 -30.32
CA ASN A 293 -18.11 16.88 -29.42
C ASN A 293 -18.33 18.19 -30.18
N ASN A 294 -19.40 18.90 -29.84
CA ASN A 294 -19.60 20.25 -30.34
C ASN A 294 -18.59 21.19 -29.70
N PRO A 295 -17.73 21.81 -30.53
CA PRO A 295 -16.70 22.71 -30.00
C PRO A 295 -17.30 23.99 -29.44
N ASP A 296 -18.55 24.27 -29.76
CA ASP A 296 -19.24 25.44 -29.27
C ASP A 296 -20.04 25.16 -27.99
N LEU A 297 -19.80 24.01 -27.38
CA LEU A 297 -20.43 23.69 -26.10
C LEU A 297 -19.90 24.59 -25.00
N SER A 298 -20.78 25.40 -24.43
CA SER A 298 -20.42 26.32 -23.36
C SER A 298 -21.58 26.45 -22.38
N ILE A 299 -21.29 26.92 -21.17
CA ILE A 299 -22.35 27.17 -20.21
C ILE A 299 -23.33 28.22 -20.75
N ALA A 300 -22.78 29.30 -21.28
CA ALA A 300 -23.59 30.41 -21.81
C ALA A 300 -24.54 29.95 -22.92
N ASN A 301 -24.02 29.21 -23.88
CA ASN A 301 -24.81 28.75 -25.01
C ASN A 301 -25.83 27.67 -24.65
N VAL A 302 -25.46 26.76 -23.76
CA VAL A 302 -26.41 25.77 -23.27
C VAL A 302 -27.55 26.47 -22.53
N ILE A 303 -27.20 27.45 -21.69
CA ILE A 303 -28.19 28.23 -20.96
C ILE A 303 -29.13 28.92 -21.93
N SER A 304 -28.54 29.57 -22.93
CA SER A 304 -29.29 30.24 -23.98
C SER A 304 -30.26 29.29 -24.67
N LEU A 305 -29.76 28.13 -25.05
CA LEU A 305 -30.55 27.08 -25.70
C LEU A 305 -31.71 26.62 -24.83
N VAL A 306 -31.44 26.47 -23.53
CA VAL A 306 -32.45 25.99 -22.58
C VAL A 306 -33.55 27.01 -22.31
N GLU A 307 -33.18 28.29 -22.22
CA GLU A 307 -34.19 29.29 -21.90
C GLU A 307 -34.96 29.65 -23.17
N ASN A 308 -34.57 29.05 -24.29
CA ASN A 308 -35.42 28.93 -25.46
C ASN A 308 -36.40 27.77 -25.29
N ALA A 309 -37.59 28.09 -24.78
CA ALA A 309 -38.64 27.13 -24.40
C ALA A 309 -39.56 27.76 -23.36
N GLU B 3 28.44 11.81 -45.86
CA GLU B 3 27.87 11.80 -47.20
C GLU B 3 26.60 12.63 -47.26
N LYS B 4 26.56 13.61 -48.16
CA LYS B 4 25.36 14.40 -48.39
C LYS B 4 24.72 14.09 -49.74
N ASP B 5 24.88 12.86 -50.21
CA ASP B 5 24.06 12.37 -51.30
C ASP B 5 22.71 12.03 -50.71
N TYR B 6 21.63 12.52 -51.31
CA TYR B 6 20.30 12.25 -50.81
C TYR B 6 19.32 11.95 -51.93
N VAL B 7 18.19 11.35 -51.56
CA VAL B 7 17.15 11.00 -52.51
C VAL B 7 15.86 11.75 -52.16
N VAL B 8 15.19 12.28 -53.18
CA VAL B 8 13.91 12.94 -52.96
C VAL B 8 12.75 12.07 -53.45
N ILE B 9 11.75 11.89 -52.59
CA ILE B 9 10.57 11.11 -52.93
C ILE B 9 9.33 12.01 -52.90
N ILE B 10 8.74 12.23 -54.07
CA ILE B 10 7.52 13.02 -54.16
C ILE B 10 6.32 12.12 -54.40
N GLY B 11 5.52 11.94 -53.35
CA GLY B 11 4.36 11.07 -53.42
C GLY B 11 3.38 11.30 -52.28
N SER B 12 2.41 10.39 -52.15
CA SER B 12 1.35 10.55 -51.17
C SER B 12 1.71 9.94 -49.81
N ALA B 13 1.23 10.57 -48.74
CA ALA B 13 1.40 10.04 -47.39
C ALA B 13 0.03 9.77 -46.76
N ASN B 14 -0.23 8.51 -46.43
CA ASN B 14 -1.54 8.14 -45.92
C ASN B 14 -1.52 7.44 -44.57
N ILE B 15 -2.71 7.33 -43.98
CA ILE B 15 -2.92 6.48 -42.83
C ILE B 15 -3.82 5.33 -43.26
N ASP B 16 -3.28 4.13 -43.22
CA ASP B 16 -4.04 2.92 -43.55
C ASP B 16 -4.71 2.37 -42.30
N VAL B 17 -6.04 2.26 -42.35
CA VAL B 17 -6.80 1.71 -41.25
C VAL B 17 -7.41 0.37 -41.65
N ALA B 18 -6.93 -0.72 -41.06
CA ALA B 18 -7.42 -2.04 -41.42
C ALA B 18 -8.24 -2.66 -40.28
N GLY B 19 -9.47 -3.06 -40.59
CA GLY B 19 -10.32 -3.64 -39.56
C GLY B 19 -10.92 -4.98 -39.96
N TYR B 20 -10.84 -5.96 -39.05
CA TYR B 20 -11.52 -7.24 -39.27
C TYR B 20 -12.22 -7.73 -38.01
N SER B 21 -13.39 -8.34 -38.18
CA SER B 21 -14.16 -8.84 -37.03
C SER B 21 -13.63 -10.19 -36.53
N HIS B 22 -13.80 -10.46 -35.23
CA HIS B 22 -13.31 -11.73 -34.67
C HIS B 22 -14.24 -12.86 -35.04
N GLU B 23 -15.52 -12.52 -35.15
CA GLU B 23 -16.52 -13.52 -35.46
C GLU B 23 -17.22 -13.08 -36.74
N SER B 24 -18.43 -13.59 -37.01
CA SER B 24 -19.11 -13.27 -38.26
C SER B 24 -19.81 -11.92 -38.23
N LEU B 25 -19.70 -11.18 -39.31
CA LEU B 25 -20.14 -9.78 -39.36
C LEU B 25 -21.65 -9.63 -39.36
N ASN B 26 -22.19 -9.18 -38.24
CA ASN B 26 -23.60 -8.84 -38.13
C ASN B 26 -23.85 -7.42 -38.66
N TYR B 27 -24.28 -7.30 -39.92
CA TYR B 27 -24.45 -5.98 -40.53
C TYR B 27 -25.41 -5.09 -39.74
N ALA B 28 -25.21 -3.78 -39.91
CA ALA B 28 -25.94 -2.75 -39.17
C ALA B 28 -25.83 -2.95 -37.66
N ASP B 29 -24.61 -3.21 -37.18
CA ASP B 29 -24.35 -3.37 -35.75
C ASP B 29 -22.84 -3.29 -35.48
N SER B 30 -22.46 -2.75 -34.33
CA SER B 30 -21.06 -2.71 -33.87
C SER B 30 -20.47 -4.12 -33.69
N ASN B 31 -19.55 -4.57 -34.54
CA ASN B 31 -19.12 -5.94 -34.31
C ASN B 31 -17.64 -5.88 -33.89
N PRO B 32 -17.35 -6.44 -32.71
CA PRO B 32 -16.04 -6.56 -32.08
C PRO B 32 -15.03 -7.13 -33.04
N GLY B 33 -13.84 -6.55 -33.08
CA GLY B 33 -12.81 -6.99 -34.00
C GLY B 33 -11.48 -6.35 -33.66
N LYS B 34 -10.62 -6.24 -34.66
CA LYS B 34 -9.31 -5.65 -34.47
C LYS B 34 -9.07 -4.62 -35.57
N ILE B 35 -8.70 -3.42 -35.13
CA ILE B 35 -8.38 -2.30 -36.02
C ILE B 35 -6.92 -1.90 -35.85
N LYS B 36 -6.20 -1.79 -36.96
CA LYS B 36 -4.78 -1.42 -36.95
C LYS B 36 -4.50 -0.20 -37.81
N PHE B 37 -3.73 0.73 -37.27
CA PHE B 37 -3.31 1.93 -37.98
C PHE B 37 -1.86 1.82 -38.43
N THR B 38 -1.65 1.60 -39.72
CA THR B 38 -0.29 1.55 -40.27
C THR B 38 -0.05 2.73 -41.19
N PRO B 39 1.19 3.26 -41.22
CA PRO B 39 1.50 4.32 -42.19
C PRO B 39 1.52 3.77 -43.62
N GLY B 40 0.87 4.49 -44.53
CA GLY B 40 0.75 4.06 -45.92
C GLY B 40 1.04 5.16 -46.92
N GLY B 41 0.70 4.90 -48.18
CA GLY B 41 0.95 5.85 -49.25
C GLY B 41 2.24 5.54 -49.99
N VAL B 42 2.13 5.33 -51.30
CA VAL B 42 3.24 4.88 -52.13
C VAL B 42 4.53 5.67 -51.92
N GLY B 43 4.43 6.99 -52.02
CA GLY B 43 5.59 7.86 -51.81
C GLY B 43 6.21 7.70 -50.44
N ARG B 44 5.37 7.80 -49.41
CA ARG B 44 5.82 7.68 -48.03
C ARG B 44 6.47 6.31 -47.77
N ASN B 45 5.80 5.25 -48.23
CA ASN B 45 6.32 3.89 -48.07
C ASN B 45 7.68 3.71 -48.76
N ILE B 46 7.79 4.22 -49.98
CA ILE B 46 9.05 4.14 -50.72
C ILE B 46 10.15 4.88 -49.96
N ALA B 47 9.83 6.09 -49.50
CA ALA B 47 10.76 6.87 -48.71
C ALA B 47 11.26 6.09 -47.49
N GLN B 48 10.34 5.42 -46.81
CA GLN B 48 10.69 4.63 -45.63
C GLN B 48 11.64 3.50 -45.99
N ASN B 49 11.29 2.75 -47.04
CA ASN B 49 12.16 1.66 -47.48
C ASN B 49 13.54 2.16 -47.90
N LEU B 50 13.60 3.37 -48.45
CA LEU B 50 14.87 3.95 -48.85
C LEU B 50 15.71 4.30 -47.64
N ALA B 51 15.06 4.82 -46.60
CA ALA B 51 15.76 5.10 -45.34
C ALA B 51 16.27 3.80 -44.74
N LEU B 52 15.45 2.75 -44.77
CA LEU B 52 15.84 1.44 -44.27
C LEU B 52 16.94 0.79 -45.12
N LEU B 53 17.08 1.23 -46.37
CA LEU B 53 18.14 0.73 -47.23
C LEU B 53 19.40 1.57 -47.08
N GLY B 54 19.36 2.50 -46.13
CA GLY B 54 20.52 3.30 -45.77
C GLY B 54 20.77 4.52 -46.64
N ASN B 55 19.70 5.09 -47.19
CA ASN B 55 19.81 6.29 -48.00
C ASN B 55 19.21 7.47 -47.23
N LYS B 56 19.83 8.63 -47.32
CA LYS B 56 19.23 9.83 -46.73
C LYS B 56 18.07 10.26 -47.61
N ALA B 57 16.85 10.05 -47.12
CA ALA B 57 15.66 10.22 -47.93
C ALA B 57 14.76 11.36 -47.44
N TRP B 58 14.44 12.26 -48.37
CA TRP B 58 13.55 13.38 -48.09
C TRP B 58 12.19 13.17 -48.72
N LEU B 59 11.13 13.24 -47.92
CA LEU B 59 9.79 13.07 -48.43
C LEU B 59 9.14 14.41 -48.71
N LEU B 60 8.62 14.57 -49.93
CA LEU B 60 7.90 15.77 -50.29
C LEU B 60 6.43 15.41 -50.53
N SER B 61 5.63 15.58 -49.49
CA SER B 61 4.23 15.17 -49.53
C SER B 61 3.32 16.21 -48.89
N ALA B 62 2.05 15.83 -48.71
CA ALA B 62 1.08 16.69 -48.04
C ALA B 62 0.22 15.92 -47.04
N VAL B 63 0.16 16.42 -45.82
CA VAL B 63 -0.73 15.88 -44.80
C VAL B 63 -1.60 16.99 -44.25
N GLY B 64 -2.63 16.63 -43.48
CA GLY B 64 -3.59 17.61 -42.98
C GLY B 64 -3.11 18.32 -41.73
N SER B 65 -3.86 19.36 -41.35
CA SER B 65 -3.57 20.11 -40.13
C SER B 65 -3.97 19.33 -38.88
N ASP B 66 -4.68 18.23 -39.06
CA ASP B 66 -5.09 17.36 -37.96
C ASP B 66 -3.88 16.72 -37.28
N PHE B 67 -4.07 16.28 -36.04
CA PHE B 67 -2.99 15.77 -35.21
C PHE B 67 -2.45 14.43 -35.72
N TYR B 68 -3.34 13.66 -36.34
CA TYR B 68 -3.01 12.33 -36.81
C TYR B 68 -2.05 12.38 -37.99
N GLY B 69 -2.12 13.47 -38.74
CA GLY B 69 -1.18 13.70 -39.82
C GLY B 69 0.21 13.96 -39.28
N GLN B 70 0.28 14.72 -38.19
CA GLN B 70 1.55 15.07 -37.58
C GLN B 70 2.16 13.82 -36.96
N SER B 71 1.30 12.91 -36.51
CA SER B 71 1.79 11.64 -35.97
C SER B 71 2.23 10.71 -37.09
N LEU B 72 1.60 10.85 -38.26
CA LEU B 72 2.06 10.12 -39.45
C LEU B 72 3.48 10.56 -39.81
N LEU B 73 3.66 11.88 -39.92
CA LEU B 73 4.97 12.46 -40.18
C LEU B 73 6.01 12.04 -39.13
N THR B 74 5.61 12.02 -37.87
CA THR B 74 6.52 11.63 -36.78
C THR B 74 6.95 10.16 -36.86
N GLN B 75 5.96 9.27 -37.04
CA GLN B 75 6.22 7.85 -37.21
C GLN B 75 7.17 7.62 -38.39
N THR B 76 6.92 8.35 -39.47
CA THR B 76 7.78 8.25 -40.65
C THR B 76 9.19 8.75 -40.35
N ASN B 77 9.27 9.84 -39.59
CA ASN B 77 10.57 10.43 -39.23
C ASN B 77 11.45 9.53 -38.38
N GLN B 78 10.83 8.70 -37.56
CA GLN B 78 11.62 7.80 -36.73
C GLN B 78 11.97 6.53 -37.47
N SER B 79 11.56 6.45 -38.73
CA SER B 79 12.12 5.47 -39.66
C SER B 79 13.40 5.96 -40.33
N GLY B 80 13.77 7.22 -40.10
CA GLY B 80 14.95 7.79 -40.73
C GLY B 80 14.66 8.81 -41.83
N VAL B 81 13.40 8.88 -42.25
CA VAL B 81 13.00 9.81 -43.32
C VAL B 81 12.95 11.26 -42.83
N TYR B 82 13.43 12.17 -43.67
CA TYR B 82 13.37 13.60 -43.37
C TYR B 82 12.05 14.17 -43.89
N VAL B 83 11.17 14.55 -42.97
CA VAL B 83 9.82 14.98 -43.31
C VAL B 83 9.65 16.49 -43.16
N ASP B 84 10.77 17.19 -43.02
CA ASP B 84 10.75 18.61 -42.66
C ASP B 84 10.28 19.52 -43.78
N LYS B 85 10.26 19.02 -45.00
CA LYS B 85 9.79 19.80 -46.14
C LYS B 85 8.36 19.42 -46.54
N CYS B 86 7.81 18.41 -45.87
CA CYS B 86 6.43 18.01 -46.13
C CYS B 86 5.45 19.13 -45.84
N LEU B 87 4.62 19.43 -46.83
CA LEU B 87 3.60 20.47 -46.70
C LEU B 87 2.50 20.00 -45.75
N ILE B 88 2.20 20.83 -44.74
CA ILE B 88 1.06 20.55 -43.87
C ILE B 88 -0.07 21.49 -44.25
N VAL B 89 -1.20 20.92 -44.66
CA VAL B 89 -2.28 21.70 -45.21
C VAL B 89 -3.31 22.06 -44.15
N PRO B 90 -3.51 23.37 -43.94
CA PRO B 90 -4.47 23.86 -42.94
C PRO B 90 -5.93 23.69 -43.34
N GLY B 91 -6.76 23.29 -42.38
CA GLY B 91 -8.20 23.18 -42.56
C GLY B 91 -8.72 21.96 -43.29
N GLU B 92 -7.86 20.98 -43.54
CA GLU B 92 -8.27 19.74 -44.20
C GLU B 92 -7.70 18.51 -43.50
N ASN B 93 -8.10 17.33 -43.95
CA ASN B 93 -7.75 16.10 -43.27
C ASN B 93 -6.70 15.29 -44.01
N THR B 94 -5.86 14.62 -43.23
CA THR B 94 -4.82 13.77 -43.75
C THR B 94 -5.45 12.61 -44.53
N SER B 95 -4.87 12.31 -45.69
CA SER B 95 -5.42 11.28 -46.56
C SER B 95 -5.37 9.91 -45.90
N SER B 96 -6.23 9.00 -46.34
CA SER B 96 -6.33 7.71 -45.65
C SER B 96 -6.87 6.57 -46.52
N TYR B 97 -6.48 5.34 -46.18
CA TYR B 97 -7.01 4.17 -46.86
C TYR B 97 -7.71 3.26 -45.86
N LEU B 98 -9.04 3.30 -45.88
CA LEU B 98 -9.87 2.48 -45.03
C LEU B 98 -10.06 1.10 -45.66
N SER B 99 -9.86 0.05 -44.88
CA SER B 99 -9.93 -1.30 -45.41
C SER B 99 -10.66 -2.25 -44.46
N LEU B 100 -11.78 -2.79 -44.95
CA LEU B 100 -12.57 -3.77 -44.23
C LEU B 100 -12.25 -5.17 -44.74
N LEU B 101 -11.62 -5.95 -43.86
CA LEU B 101 -11.22 -7.33 -44.15
C LEU B 101 -12.11 -8.31 -43.41
N ASP B 102 -11.72 -9.59 -43.43
CA ASP B 102 -12.42 -10.62 -42.68
C ASP B 102 -11.52 -11.59 -41.94
N ASN B 103 -12.16 -12.65 -41.43
CA ASN B 103 -11.50 -13.72 -40.69
C ASN B 103 -10.15 -14.20 -41.24
N THR B 104 -10.13 -14.55 -42.52
CA THR B 104 -8.91 -14.98 -43.20
C THR B 104 -7.90 -13.85 -43.40
N GLY B 105 -8.42 -12.66 -43.73
CA GLY B 105 -7.57 -11.54 -44.10
C GLY B 105 -7.86 -11.18 -45.54
N GLU B 106 -9.07 -11.54 -45.98
CA GLU B 106 -9.52 -11.31 -47.34
C GLU B 106 -10.32 -10.01 -47.42
N MET B 107 -9.96 -9.17 -48.39
CA MET B 107 -10.59 -7.86 -48.55
C MET B 107 -12.08 -7.92 -48.86
N LEU B 108 -12.89 -7.44 -47.94
CA LEU B 108 -14.31 -7.33 -48.19
C LEU B 108 -14.60 -6.04 -48.95
N VAL B 109 -14.21 -4.91 -48.37
CA VAL B 109 -14.42 -3.64 -49.05
C VAL B 109 -13.36 -2.60 -48.68
N ALA B 110 -13.16 -1.57 -49.49
CA ALA B 110 -12.18 -0.53 -49.19
C ALA B 110 -12.60 0.86 -49.66
N ILE B 111 -12.22 1.87 -48.88
CA ILE B 111 -12.49 3.27 -49.19
C ILE B 111 -11.16 4.01 -49.22
N ASN B 112 -11.03 5.01 -50.08
CA ASN B 112 -9.83 5.83 -50.08
C ASN B 112 -10.13 7.32 -50.15
N ASP B 113 -9.53 8.07 -49.23
CA ASP B 113 -9.65 9.52 -49.20
C ASP B 113 -8.27 10.13 -49.45
N MET B 114 -7.86 10.14 -50.71
CA MET B 114 -6.53 10.61 -51.09
C MET B 114 -6.57 11.96 -51.82
N ASN B 115 -7.49 12.83 -51.41
CA ASN B 115 -7.71 14.08 -52.12
C ASN B 115 -6.62 15.13 -51.85
N ILE B 116 -6.01 15.04 -50.66
CA ILE B 116 -5.01 16.02 -50.26
C ILE B 116 -3.71 15.79 -51.01
N SER B 117 -3.67 14.70 -51.77
CA SER B 117 -2.57 14.48 -52.68
C SER B 117 -2.49 15.59 -53.71
N ASN B 118 -3.61 16.25 -54.02
CA ASN B 118 -3.48 17.31 -55.02
C ASN B 118 -3.03 18.62 -54.36
N ALA B 119 -2.82 18.63 -53.04
CA ALA B 119 -2.22 19.83 -52.42
C ALA B 119 -0.72 19.85 -52.74
N ILE B 120 -0.20 18.70 -53.17
CA ILE B 120 1.18 18.58 -53.63
C ILE B 120 1.30 19.26 -54.99
N THR B 121 1.34 20.58 -54.97
CA THR B 121 1.26 21.41 -56.17
C THR B 121 2.62 21.78 -56.76
N ALA B 122 2.60 22.30 -57.98
CA ALA B 122 3.80 22.74 -58.67
C ALA B 122 4.47 23.92 -57.97
N GLU B 123 3.68 24.80 -57.36
CA GLU B 123 4.21 25.89 -56.56
C GLU B 123 5.03 25.38 -55.38
N TYR B 124 4.46 24.37 -54.70
CA TYR B 124 5.09 23.75 -53.54
C TYR B 124 6.46 23.17 -53.92
N LEU B 125 6.50 22.40 -55.00
CA LEU B 125 7.72 21.78 -55.48
C LEU B 125 8.72 22.84 -55.96
N ALA B 126 8.18 23.92 -56.53
CA ALA B 126 8.98 25.04 -56.99
C ALA B 126 9.67 25.74 -55.83
N GLN B 127 9.02 25.76 -54.67
CA GLN B 127 9.65 26.33 -53.48
C GLN B 127 10.83 25.49 -53.00
N HIS B 128 10.95 24.28 -53.54
CA HIS B 128 12.09 23.41 -53.21
C HIS B 128 12.85 23.02 -54.48
N ARG B 129 12.68 23.80 -55.54
CA ARG B 129 13.28 23.51 -56.84
C ARG B 129 14.76 23.12 -56.79
N GLU B 130 15.61 23.98 -56.21
CA GLU B 130 17.05 23.71 -56.23
C GLU B 130 17.41 22.48 -55.40
N PHE B 131 16.81 22.35 -54.22
CA PHE B 131 17.01 21.16 -53.39
C PHE B 131 16.68 19.89 -54.16
N ILE B 132 15.54 19.91 -54.84
CA ILE B 132 15.12 18.78 -55.67
C ILE B 132 16.16 18.51 -56.76
N GLN B 133 16.65 19.59 -57.38
CA GLN B 133 17.59 19.45 -58.48
C GLN B 133 18.98 19.05 -58.02
N ARG B 134 19.20 19.01 -56.70
CA ARG B 134 20.49 18.54 -56.18
C ARG B 134 20.44 17.16 -55.51
N ALA B 135 19.33 16.45 -55.69
CA ALA B 135 19.25 15.06 -55.25
C ALA B 135 19.95 14.13 -56.24
N LYS B 136 20.33 12.94 -55.78
CA LYS B 136 20.94 11.95 -56.66
C LYS B 136 19.89 11.25 -57.51
N VAL B 137 18.67 11.16 -56.98
CA VAL B 137 17.52 10.63 -57.72
C VAL B 137 16.21 11.17 -57.17
N ILE B 138 15.26 11.37 -58.06
CA ILE B 138 13.92 11.77 -57.70
C ILE B 138 12.96 10.61 -57.95
N VAL B 139 12.21 10.21 -56.93
CA VAL B 139 11.19 9.18 -57.10
C VAL B 139 9.80 9.80 -56.97
N ALA B 140 8.96 9.59 -57.97
CA ALA B 140 7.62 10.15 -57.96
C ALA B 140 6.55 9.09 -58.19
N ASP B 141 5.43 9.21 -57.48
CA ASP B 141 4.30 8.32 -57.70
C ASP B 141 3.22 9.08 -58.47
N CYS B 142 2.30 8.34 -59.10
CA CYS B 142 1.30 8.98 -59.94
C CYS B 142 0.02 9.32 -59.17
N ASN B 143 0.11 9.33 -57.85
CA ASN B 143 -0.98 9.84 -57.02
C ASN B 143 -1.07 11.36 -57.12
N ILE B 144 0.05 11.99 -57.44
CA ILE B 144 0.06 13.44 -57.58
C ILE B 144 -0.64 13.82 -58.89
N SER B 145 -0.94 15.11 -59.05
CA SER B 145 -1.64 15.58 -60.24
C SER B 145 -0.72 15.53 -61.45
N GLU B 146 -1.32 15.55 -62.65
CA GLU B 146 -0.52 15.57 -63.87
C GLU B 146 0.32 16.85 -63.93
N GLU B 147 -0.23 17.96 -63.43
CA GLU B 147 0.53 19.21 -63.38
C GLU B 147 1.81 19.05 -62.55
N ALA B 148 1.69 18.35 -61.42
CA ALA B 148 2.82 18.18 -60.51
C ALA B 148 3.89 17.28 -61.12
N LEU B 149 3.45 16.15 -61.67
CA LEU B 149 4.37 15.22 -62.33
C LEU B 149 5.06 15.89 -63.51
N ALA B 150 4.29 16.65 -64.28
CA ALA B 150 4.81 17.41 -65.41
C ALA B 150 5.87 18.39 -64.96
N TRP B 151 5.60 19.10 -63.87
CA TRP B 151 6.59 20.02 -63.30
C TRP B 151 7.87 19.27 -62.94
N ILE B 152 7.72 18.15 -62.24
CA ILE B 152 8.88 17.35 -61.84
C ILE B 152 9.73 16.95 -63.04
N LEU B 153 9.09 16.33 -64.02
CA LEU B 153 9.79 15.84 -65.20
C LEU B 153 10.40 16.99 -66.01
N ASP B 154 9.77 18.16 -65.97
CA ASP B 154 10.27 19.32 -66.69
C ASP B 154 11.39 20.08 -65.97
N ASN B 155 11.51 19.88 -64.66
CA ASN B 155 12.50 20.61 -63.88
C ASN B 155 13.47 19.71 -63.14
N ALA B 156 13.73 18.54 -63.69
CA ALA B 156 14.57 17.56 -63.01
C ALA B 156 16.05 17.87 -63.17
N ALA B 157 16.38 18.74 -64.13
CA ALA B 157 17.76 19.17 -64.36
C ALA B 157 18.71 17.98 -64.49
N ASN B 158 18.31 17.03 -65.34
CA ASN B 158 19.09 15.83 -65.64
C ASN B 158 19.23 14.87 -64.45
N VAL B 159 18.48 15.11 -63.38
CA VAL B 159 18.42 14.12 -62.31
C VAL B 159 17.40 13.05 -62.71
N PRO B 160 17.82 11.78 -62.68
CA PRO B 160 16.97 10.65 -63.05
C PRO B 160 15.68 10.59 -62.24
N VAL B 161 14.54 10.52 -62.93
CA VAL B 161 13.27 10.36 -62.24
C VAL B 161 12.73 8.94 -62.37
N PHE B 162 12.64 8.25 -61.24
CA PHE B 162 12.01 6.94 -61.16
C PHE B 162 10.52 7.12 -60.86
N VAL B 163 9.67 6.58 -61.72
CA VAL B 163 8.24 6.78 -61.58
C VAL B 163 7.47 5.50 -61.26
N ASP B 164 6.71 5.53 -60.17
CA ASP B 164 5.78 4.46 -59.82
C ASP B 164 4.38 4.79 -60.32
N PRO B 165 3.88 4.00 -61.28
CA PRO B 165 2.60 4.26 -61.95
C PRO B 165 1.37 4.00 -61.07
N VAL B 166 1.57 3.30 -59.95
CA VAL B 166 0.56 3.14 -58.90
C VAL B 166 -0.61 2.23 -59.31
N SER B 167 -1.45 2.70 -60.22
CA SER B 167 -2.63 1.93 -60.63
C SER B 167 -2.95 2.10 -62.11
N ALA B 168 -3.86 1.28 -62.60
CA ALA B 168 -4.29 1.33 -64.00
C ALA B 168 -4.98 2.65 -64.32
N TRP B 169 -5.63 3.22 -63.31
CA TRP B 169 -6.35 4.49 -63.48
C TRP B 169 -5.40 5.69 -63.45
N LYS B 170 -4.41 5.66 -62.56
CA LYS B 170 -3.52 6.81 -62.38
C LYS B 170 -2.25 6.77 -63.23
N CYS B 171 -1.97 5.65 -63.88
CA CYS B 171 -0.74 5.54 -64.66
C CYS B 171 -0.80 6.30 -65.96
N VAL B 172 -2.02 6.57 -66.46
CA VAL B 172 -2.19 7.14 -67.79
C VAL B 172 -1.47 8.49 -67.97
N LYS B 173 -1.33 9.24 -66.88
CA LYS B 173 -0.72 10.57 -66.93
C LYS B 173 0.74 10.48 -67.35
N VAL B 174 1.25 9.25 -67.44
CA VAL B 174 2.64 9.01 -67.77
C VAL B 174 2.84 8.83 -69.29
N ARG B 175 1.77 8.48 -70.00
CA ARG B 175 1.88 8.06 -71.40
C ARG B 175 2.60 9.07 -72.31
N ASP B 176 2.26 10.35 -72.18
CA ASP B 176 2.84 11.37 -73.05
C ASP B 176 4.19 11.90 -72.56
N ARG B 177 4.72 11.35 -71.48
CA ARG B 177 5.97 11.88 -70.92
C ARG B 177 6.97 10.77 -70.62
N LEU B 178 6.84 9.66 -71.33
CA LEU B 178 7.77 8.54 -71.19
C LEU B 178 9.20 8.92 -71.54
N ASN B 179 9.35 9.90 -72.44
CA ASN B 179 10.68 10.37 -72.82
C ASN B 179 11.38 11.13 -71.69
N GLN B 180 10.63 11.48 -70.64
CA GLN B 180 11.20 12.22 -69.53
C GLN B 180 11.44 11.35 -68.30
N ILE B 181 11.21 10.05 -68.43
CA ILE B 181 11.32 9.14 -67.29
C ILE B 181 12.49 8.17 -67.43
N HIS B 182 13.35 8.14 -66.42
CA HIS B 182 14.49 7.24 -66.40
C HIS B 182 14.03 5.78 -66.28
N THR B 183 13.19 5.52 -65.30
CA THR B 183 12.73 4.16 -65.02
C THR B 183 11.24 4.11 -64.66
N LEU B 184 10.49 3.27 -65.37
CA LEU B 184 9.09 3.05 -65.04
C LEU B 184 8.88 1.62 -64.54
N LYS B 185 8.03 1.46 -63.53
CA LYS B 185 7.80 0.14 -62.94
C LYS B 185 6.31 -0.23 -62.95
N PRO B 186 5.78 -0.62 -64.11
CA PRO B 186 4.36 -1.00 -64.17
C PRO B 186 4.15 -2.49 -63.94
N ASN B 187 2.93 -2.86 -63.56
CA ASN B 187 2.55 -4.27 -63.57
C ASN B 187 1.92 -4.60 -64.92
N ARG B 188 1.37 -5.80 -65.03
CA ARG B 188 0.72 -6.25 -66.26
C ARG B 188 -0.35 -5.27 -66.72
N LEU B 189 -1.30 -5.00 -65.83
CA LEU B 189 -2.47 -4.17 -66.16
C LEU B 189 -2.06 -2.76 -66.56
N GLU B 190 -1.12 -2.19 -65.80
CA GLU B 190 -0.64 -0.85 -66.08
C GLU B 190 0.07 -0.76 -67.44
N ALA B 191 0.90 -1.76 -67.73
CA ALA B 191 1.61 -1.82 -69.01
C ALA B 191 0.63 -1.96 -70.18
N GLU B 192 -0.38 -2.80 -70.00
CA GLU B 192 -1.41 -2.98 -71.03
C GLU B 192 -2.20 -1.68 -71.25
N THR B 193 -2.55 -1.03 -70.14
CA THR B 193 -3.29 0.22 -70.19
C THR B 193 -2.52 1.33 -70.90
N LEU B 194 -1.21 1.41 -70.63
CA LEU B 194 -0.37 2.41 -71.26
C LEU B 194 -0.13 2.12 -72.73
N SER B 195 0.39 0.93 -73.02
CA SER B 195 0.80 0.58 -74.38
C SER B 195 -0.37 0.35 -75.33
N GLY B 196 -1.51 -0.07 -74.79
CA GLY B 196 -2.63 -0.45 -75.61
C GLY B 196 -2.44 -1.83 -76.22
N ILE B 197 -1.51 -2.58 -75.66
CA ILE B 197 -1.20 -3.92 -76.14
C ILE B 197 -1.43 -4.93 -75.03
N ALA B 198 -2.24 -5.95 -75.31
CA ALA B 198 -2.55 -6.97 -74.32
C ALA B 198 -1.34 -7.87 -74.05
N LEU B 199 -1.15 -8.20 -72.78
CA LEU B 199 -0.08 -9.12 -72.39
C LEU B 199 -0.64 -10.49 -72.06
N SER B 200 -1.15 -11.16 -73.07
CA SER B 200 -1.75 -12.48 -72.91
C SER B 200 -0.67 -13.53 -72.66
N GLY B 201 0.45 -13.37 -73.36
CA GLY B 201 1.56 -14.30 -73.28
C GLY B 201 2.92 -13.64 -73.14
N ARG B 202 3.96 -14.46 -73.04
CA ARG B 202 5.31 -13.96 -72.89
C ARG B 202 5.83 -13.43 -74.20
N ASP B 203 5.26 -13.91 -75.31
CA ASP B 203 5.60 -13.42 -76.63
C ASP B 203 5.20 -11.97 -76.80
N ASP B 204 4.35 -11.50 -75.90
CA ASP B 204 3.87 -10.12 -75.94
C ASP B 204 4.76 -9.11 -75.23
N VAL B 205 5.55 -9.56 -74.25
CA VAL B 205 6.31 -8.60 -73.43
C VAL B 205 7.27 -7.82 -74.32
N ALA B 206 7.93 -8.53 -75.24
CA ALA B 206 8.87 -7.89 -76.16
C ALA B 206 8.15 -6.76 -76.88
N LYS B 207 6.95 -7.06 -77.37
CA LYS B 207 6.22 -6.06 -78.14
C LYS B 207 5.92 -4.91 -77.22
N VAL B 208 5.47 -5.22 -76.02
CA VAL B 208 5.09 -4.16 -75.09
C VAL B 208 6.33 -3.31 -74.84
N ALA B 209 7.45 -3.99 -74.63
CA ALA B 209 8.69 -3.29 -74.33
C ALA B 209 9.03 -2.38 -75.49
N ALA B 210 8.88 -2.92 -76.71
CA ALA B 210 9.25 -2.17 -77.90
C ALA B 210 8.45 -0.88 -77.94
N TRP B 211 7.17 -0.99 -77.61
CA TRP B 211 6.29 0.15 -77.68
C TRP B 211 6.82 1.21 -76.74
N PHE B 212 7.15 0.78 -75.52
CA PHE B 212 7.61 1.70 -74.49
C PHE B 212 8.86 2.40 -74.96
N HIS B 213 9.76 1.64 -75.58
CA HIS B 213 11.02 2.20 -76.00
C HIS B 213 10.81 3.16 -77.16
N GLN B 214 9.83 2.85 -78.00
CA GLN B 214 9.57 3.69 -79.16
C GLN B 214 8.94 5.02 -78.77
N HIS B 215 8.33 5.05 -77.59
CA HIS B 215 7.74 6.28 -77.09
C HIS B 215 8.68 7.01 -76.13
N GLY B 216 9.94 6.56 -76.09
CA GLY B 216 10.99 7.30 -75.41
C GLY B 216 11.39 6.88 -74.01
N LEU B 217 10.79 5.81 -73.48
CA LEU B 217 11.15 5.33 -72.14
C LEU B 217 12.54 4.71 -72.10
N ASN B 218 13.36 5.21 -71.19
CA ASN B 218 14.74 4.72 -71.03
C ASN B 218 14.80 3.30 -70.50
N ARG B 219 14.17 3.06 -69.35
CA ARG B 219 14.18 1.73 -68.74
C ARG B 219 12.80 1.29 -68.26
N LEU B 220 12.48 0.03 -68.56
CA LEU B 220 11.21 -0.56 -68.17
C LEU B 220 11.44 -1.71 -67.20
N VAL B 221 10.75 -1.66 -66.07
CA VAL B 221 10.75 -2.77 -65.12
C VAL B 221 9.32 -3.27 -64.97
N LEU B 222 9.01 -4.31 -65.73
CA LEU B 222 7.66 -4.85 -65.84
C LEU B 222 7.42 -6.03 -64.91
N SER B 223 6.70 -5.80 -63.81
CA SER B 223 6.37 -6.86 -62.87
C SER B 223 5.21 -7.70 -63.41
N MET B 224 5.45 -9.00 -63.57
CA MET B 224 4.45 -9.90 -64.12
C MET B 224 3.97 -10.92 -63.09
N GLY B 225 4.09 -10.56 -61.81
CA GLY B 225 3.66 -11.41 -60.72
C GLY B 225 4.42 -12.72 -60.59
N GLY B 226 3.73 -13.83 -60.83
CA GLY B 226 4.30 -15.15 -60.65
C GLY B 226 5.25 -15.51 -61.78
N ASP B 227 5.15 -14.78 -62.89
CA ASP B 227 6.06 -15.05 -63.99
C ASP B 227 7.41 -14.38 -63.75
N GLY B 228 7.40 -13.31 -62.95
CA GLY B 228 8.62 -12.64 -62.58
C GLY B 228 8.64 -11.20 -63.06
N VAL B 229 9.84 -10.67 -63.28
CA VAL B 229 10.00 -9.32 -63.78
C VAL B 229 10.74 -9.31 -65.12
N TYR B 230 10.18 -8.64 -66.11
CA TYR B 230 10.89 -8.44 -67.37
C TYR B 230 11.50 -7.04 -67.35
N TYR B 231 12.81 -6.96 -67.55
CA TYR B 231 13.46 -5.65 -67.58
C TYR B 231 14.00 -5.35 -68.98
N SER B 232 13.86 -4.10 -69.41
CA SER B 232 14.31 -3.69 -70.74
C SER B 232 14.94 -2.30 -70.76
N ASP B 233 16.15 -2.22 -71.32
CA ASP B 233 16.85 -0.95 -71.52
C ASP B 233 16.73 -0.52 -72.98
N ILE B 234 16.44 0.77 -73.20
CA ILE B 234 16.32 1.31 -74.55
C ILE B 234 17.61 1.13 -75.36
N ARG B 235 18.73 0.87 -74.69
CA ARG B 235 20.00 0.65 -75.37
C ARG B 235 20.17 -0.80 -75.83
N GLY B 236 19.15 -1.63 -75.59
CA GLY B 236 19.15 -3.00 -76.08
C GLY B 236 19.21 -4.14 -75.07
N GLU B 237 19.70 -3.88 -73.86
CA GLU B 237 19.72 -4.91 -72.83
C GLU B 237 18.32 -5.26 -72.32
N ASN B 238 17.97 -6.54 -72.35
CA ASN B 238 16.71 -6.99 -71.78
C ASN B 238 16.79 -8.41 -71.23
N GLY B 239 15.94 -8.72 -70.24
CA GLY B 239 15.94 -10.05 -69.65
C GLY B 239 14.77 -10.37 -68.73
N TRP B 240 14.74 -11.62 -68.27
CA TRP B 240 13.74 -12.09 -67.32
C TRP B 240 14.39 -12.40 -65.98
N SER B 241 13.71 -12.05 -64.91
CA SER B 241 14.12 -12.44 -63.57
C SER B 241 12.99 -13.18 -62.87
N ALA B 242 13.24 -14.44 -62.52
CA ALA B 242 12.23 -15.28 -61.87
C ALA B 242 11.89 -14.70 -60.50
N PRO B 243 10.64 -14.93 -60.02
CA PRO B 243 10.27 -14.42 -58.70
C PRO B 243 11.05 -15.12 -57.61
N ILE B 244 11.39 -14.40 -56.54
CA ILE B 244 11.98 -15.05 -55.37
C ILE B 244 10.86 -15.77 -54.63
N LYS B 245 10.95 -17.09 -54.53
CA LYS B 245 10.03 -17.88 -53.71
C LYS B 245 9.90 -17.32 -52.29
N THR B 246 8.71 -16.81 -51.95
CA THR B 246 8.48 -16.12 -50.69
C THR B 246 7.17 -16.57 -50.00
N ASN B 247 7.19 -16.63 -48.67
CA ASN B 247 5.97 -16.76 -47.90
C ASN B 247 5.03 -15.54 -47.97
N VAL B 248 4.03 -15.63 -48.85
CA VAL B 248 3.17 -14.48 -49.01
C VAL B 248 2.25 -14.44 -47.81
N ILE B 249 2.49 -13.45 -46.97
CA ILE B 249 1.70 -13.17 -45.79
C ILE B 249 0.80 -11.96 -46.02
N ASN B 250 1.41 -10.88 -46.48
CA ASN B 250 0.65 -9.71 -46.92
C ASN B 250 1.26 -9.15 -48.21
N VAL B 251 0.43 -8.94 -49.22
CA VAL B 251 0.94 -8.49 -50.51
C VAL B 251 1.18 -6.98 -50.56
N THR B 252 0.71 -6.28 -49.54
CA THR B 252 0.84 -4.82 -49.50
C THR B 252 2.31 -4.42 -49.33
N GLY B 253 2.70 -3.32 -49.99
CA GLY B 253 4.04 -2.80 -49.84
C GLY B 253 5.10 -3.44 -50.73
N ALA B 254 4.69 -4.40 -51.55
CA ALA B 254 5.63 -5.10 -52.44
C ALA B 254 6.29 -4.15 -53.45
N GLY B 255 5.46 -3.47 -54.24
CA GLY B 255 5.92 -2.54 -55.25
C GLY B 255 6.72 -1.38 -54.68
N ASP B 256 6.37 -0.95 -53.47
CA ASP B 256 7.06 0.15 -52.81
C ASP B 256 8.50 -0.26 -52.48
N ALA B 257 8.64 -1.49 -52.00
CA ALA B 257 9.95 -2.03 -51.67
C ALA B 257 10.76 -2.24 -52.94
N MET B 258 10.10 -2.70 -54.00
CA MET B 258 10.78 -2.87 -55.29
C MET B 258 11.33 -1.54 -55.83
N MET B 259 10.48 -0.52 -55.86
CA MET B 259 10.88 0.80 -56.32
C MET B 259 12.06 1.34 -55.51
N ALA B 260 11.95 1.20 -54.19
CA ALA B 260 13.03 1.66 -53.30
C ALA B 260 14.34 0.93 -53.63
N GLY B 261 14.25 -0.38 -53.84
CA GLY B 261 15.39 -1.16 -54.24
C GLY B 261 16.03 -0.69 -55.54
N LEU B 262 15.19 -0.40 -56.54
CA LEU B 262 15.69 0.07 -57.84
C LEU B 262 16.44 1.39 -57.70
N ALA B 263 15.82 2.37 -57.05
CA ALA B 263 16.43 3.68 -56.87
C ALA B 263 17.74 3.60 -56.06
N SER B 264 17.68 2.85 -54.96
CA SER B 264 18.85 2.70 -54.09
C SER B 264 20.02 2.07 -54.84
N CYS B 265 19.72 1.02 -55.60
CA CYS B 265 20.76 0.34 -56.38
C CYS B 265 21.33 1.24 -57.46
N TRP B 266 20.48 2.07 -58.08
CA TRP B 266 20.96 3.04 -59.06
C TRP B 266 21.97 3.98 -58.39
N VAL B 267 21.64 4.44 -57.19
CA VAL B 267 22.56 5.32 -56.45
C VAL B 267 23.89 4.65 -56.14
N ASP B 268 23.83 3.34 -55.86
CA ASP B 268 25.03 2.60 -55.47
C ASP B 268 25.88 2.14 -56.65
N GLY B 269 25.51 2.58 -57.86
CA GLY B 269 26.29 2.28 -59.04
C GLY B 269 26.15 0.87 -59.56
N MET B 270 25.11 0.16 -59.15
CA MET B 270 24.87 -1.21 -59.57
C MET B 270 24.34 -1.29 -61.00
N PRO B 271 24.71 -2.35 -61.72
CA PRO B 271 24.15 -2.62 -63.06
C PRO B 271 22.64 -2.87 -63.01
N PHE B 272 22.00 -2.77 -64.16
CA PHE B 272 20.54 -2.85 -64.28
C PHE B 272 19.97 -4.17 -63.74
N ALA B 273 20.42 -5.28 -64.33
CA ALA B 273 19.92 -6.62 -64.00
C ALA B 273 20.02 -6.94 -62.50
N GLU B 274 21.20 -6.68 -61.94
CA GLU B 274 21.46 -6.97 -60.55
C GLU B 274 20.63 -6.07 -59.64
N SER B 275 20.36 -4.85 -60.11
CA SER B 275 19.48 -3.94 -59.41
C SER B 275 18.05 -4.47 -59.39
N VAL B 276 17.66 -5.12 -60.49
CA VAL B 276 16.32 -5.69 -60.59
C VAL B 276 16.20 -6.87 -59.63
N ARG B 277 17.23 -7.71 -59.60
CA ARG B 277 17.24 -8.85 -58.68
C ARG B 277 17.16 -8.38 -57.23
N PHE B 278 17.94 -7.36 -56.90
CA PHE B 278 17.94 -6.79 -55.56
C PHE B 278 16.56 -6.23 -55.20
N ALA B 279 15.94 -5.56 -56.16
CA ALA B 279 14.63 -4.95 -55.95
C ALA B 279 13.59 -6.04 -55.69
N GLN B 280 13.73 -7.16 -56.41
CA GLN B 280 12.89 -8.33 -56.19
C GLN B 280 13.09 -8.85 -54.78
N GLY B 281 14.33 -8.81 -54.28
CA GLY B 281 14.60 -9.25 -52.93
C GLY B 281 13.90 -8.36 -51.91
N CYS B 282 13.89 -7.06 -52.20
CA CYS B 282 13.18 -6.10 -51.35
C CYS B 282 11.69 -6.42 -51.32
N SER B 283 11.15 -6.70 -52.49
CA SER B 283 9.72 -7.03 -52.61
C SER B 283 9.41 -8.31 -51.84
N SER B 284 10.37 -9.23 -51.86
CA SER B 284 10.27 -10.48 -51.13
C SER B 284 10.19 -10.22 -49.63
N MET B 285 11.06 -9.35 -49.12
CA MET B 285 10.99 -8.96 -47.72
C MET B 285 9.65 -8.30 -47.37
N ALA B 286 9.14 -7.47 -48.28
CA ALA B 286 7.85 -6.81 -48.06
C ALA B 286 6.72 -7.84 -47.98
N LEU B 287 6.79 -8.85 -48.83
CA LEU B 287 5.77 -9.90 -48.89
C LEU B 287 5.79 -10.76 -47.64
N SER B 288 6.98 -10.88 -47.03
CA SER B 288 7.17 -11.73 -45.86
C SER B 288 6.77 -11.04 -44.56
N CYS B 289 6.13 -9.89 -44.67
CA CYS B 289 5.79 -9.11 -43.49
C CYS B 289 4.30 -8.82 -43.45
N GLU B 290 3.75 -8.73 -42.24
CA GLU B 290 2.34 -8.41 -42.07
C GLU B 290 2.11 -6.92 -42.29
N TYR B 291 3.17 -6.13 -42.06
CA TYR B 291 3.10 -4.69 -42.24
C TYR B 291 3.40 -4.29 -43.68
N THR B 292 3.01 -3.07 -44.05
CA THR B 292 3.31 -2.53 -45.37
C THR B 292 4.81 -2.41 -45.58
N ASN B 293 5.52 -1.95 -44.54
CA ASN B 293 6.97 -1.91 -44.55
C ASN B 293 7.56 -2.94 -43.59
N ASN B 294 8.36 -3.85 -44.12
CA ASN B 294 9.13 -4.76 -43.29
C ASN B 294 10.23 -3.99 -42.56
N PRO B 295 10.16 -3.95 -41.23
CA PRO B 295 11.14 -3.19 -40.44
C PRO B 295 12.54 -3.82 -40.49
N ASP B 296 12.61 -5.07 -40.94
CA ASP B 296 13.88 -5.77 -41.06
C ASP B 296 14.48 -5.64 -42.46
N LEU B 297 13.95 -4.73 -43.26
CA LEU B 297 14.52 -4.45 -44.58
C LEU B 297 15.89 -3.79 -44.47
N SER B 298 16.92 -4.50 -44.93
CA SER B 298 18.28 -4.00 -44.89
C SER B 298 19.03 -4.47 -46.14
N ILE B 299 20.14 -3.81 -46.46
CA ILE B 299 20.96 -4.25 -47.58
C ILE B 299 21.45 -5.68 -47.35
N ALA B 300 21.97 -5.93 -46.16
CA ALA B 300 22.51 -7.24 -45.79
C ALA B 300 21.48 -8.37 -45.93
N ASN B 301 20.29 -8.15 -45.39
CA ASN B 301 19.25 -9.18 -45.41
C ASN B 301 18.68 -9.43 -46.80
N VAL B 302 18.49 -8.36 -47.58
CA VAL B 302 18.05 -8.50 -48.96
C VAL B 302 19.11 -9.28 -49.74
N ILE B 303 20.37 -8.95 -49.53
CA ILE B 303 21.48 -9.63 -50.19
C ILE B 303 21.47 -11.12 -49.84
N SER B 304 21.33 -11.43 -48.55
CA SER B 304 21.25 -12.81 -48.10
C SER B 304 20.12 -13.52 -48.82
N LEU B 305 18.96 -12.87 -48.89
CA LEU B 305 17.79 -13.43 -49.57
C LEU B 305 18.06 -13.71 -51.05
N VAL B 306 18.75 -12.80 -51.74
CA VAL B 306 19.01 -12.98 -53.17
C VAL B 306 20.05 -14.07 -53.46
N GLU B 307 21.08 -14.23 -52.61
CA GLU B 307 22.06 -15.28 -52.93
C GLU B 307 21.52 -16.65 -52.53
N ASN B 308 20.30 -16.67 -52.02
CA ASN B 308 19.53 -17.90 -51.93
C ASN B 308 18.94 -18.22 -53.30
N ALA B 309 19.66 -19.05 -54.07
CA ALA B 309 19.32 -19.40 -55.45
C ALA B 309 19.36 -18.17 -56.34
N GLU C 3 25.11 -16.13 6.99
CA GLU C 3 23.76 -16.66 6.82
C GLU C 3 22.72 -15.57 7.07
N LYS C 4 21.88 -15.33 6.08
CA LYS C 4 20.79 -14.36 6.20
C LYS C 4 19.44 -15.10 6.31
N ASP C 5 19.47 -16.34 6.77
CA ASP C 5 18.24 -17.01 7.16
C ASP C 5 17.79 -16.57 8.55
N TYR C 6 16.54 -16.16 8.66
CA TYR C 6 16.00 -15.73 9.95
C TYR C 6 14.57 -16.22 10.17
N VAL C 7 14.16 -16.16 11.43
CA VAL C 7 12.83 -16.59 11.87
C VAL C 7 12.08 -15.41 12.48
N VAL C 8 10.79 -15.27 12.14
CA VAL C 8 9.96 -14.23 12.75
C VAL C 8 8.99 -14.83 13.76
N ILE C 9 8.96 -14.25 14.96
CA ILE C 9 8.04 -14.69 16.01
C ILE C 9 7.08 -13.57 16.37
N ILE C 10 5.80 -13.76 16.07
CA ILE C 10 4.78 -12.78 16.43
C ILE C 10 3.93 -13.26 17.60
N GLY C 11 4.15 -12.66 18.76
CA GLY C 11 3.44 -13.04 19.97
C GLY C 11 3.56 -12.00 21.06
N SER C 12 3.13 -12.37 22.26
CA SER C 12 3.08 -11.42 23.37
C SER C 12 4.39 -11.40 24.16
N ALA C 13 4.75 -10.23 24.66
CA ALA C 13 5.92 -10.06 25.51
C ALA C 13 5.50 -9.56 26.89
N ASN C 14 5.78 -10.34 27.93
CA ASN C 14 5.32 -9.99 29.26
C ASN C 14 6.42 -9.91 30.31
N ILE C 15 6.05 -9.35 31.46
CA ILE C 15 6.87 -9.40 32.65
C ILE C 15 6.14 -10.29 33.66
N ASP C 16 6.76 -11.42 33.99
CA ASP C 16 6.22 -12.34 34.97
C ASP C 16 6.71 -11.97 36.36
N VAL C 17 5.77 -11.68 37.25
CA VAL C 17 6.13 -11.37 38.63
C VAL C 17 5.63 -12.46 39.56
N ALA C 18 6.57 -13.21 40.14
CA ALA C 18 6.22 -14.29 41.04
C ALA C 18 6.58 -13.96 42.48
N GLY C 19 5.60 -14.04 43.38
CA GLY C 19 5.86 -13.73 44.78
C GLY C 19 5.40 -14.80 45.75
N TYR C 20 6.25 -15.16 46.71
CA TYR C 20 5.80 -16.08 47.76
C TYR C 20 6.27 -15.65 49.15
N SER C 21 5.43 -15.85 50.16
CA SER C 21 5.75 -15.46 51.54
C SER C 21 6.65 -16.49 52.24
N HIS C 22 7.49 -16.07 53.18
CA HIS C 22 8.38 -17.02 53.84
C HIS C 22 7.69 -17.81 54.93
N GLU C 23 6.86 -17.15 55.73
CA GLU C 23 6.18 -17.83 56.83
C GLU C 23 4.66 -17.62 56.75
N SER C 24 3.98 -18.54 56.07
CA SER C 24 2.54 -18.49 55.87
C SER C 24 2.05 -17.11 55.43
N LEU C 25 0.78 -16.81 55.66
CA LEU C 25 0.21 -15.57 55.13
C LEU C 25 -0.75 -14.89 56.10
N ASN C 26 -0.29 -13.80 56.72
CA ASN C 26 -1.17 -12.95 57.49
C ASN C 26 -1.88 -11.97 56.56
N TYR C 27 -3.08 -12.34 56.14
CA TYR C 27 -3.84 -11.57 55.15
C TYR C 27 -4.12 -10.16 55.65
N ALA C 28 -4.35 -9.24 54.71
CA ALA C 28 -4.50 -7.82 54.99
C ALA C 28 -3.29 -7.31 55.78
N ASP C 29 -2.11 -7.71 55.34
CA ASP C 29 -0.84 -7.29 55.93
C ASP C 29 0.33 -7.58 55.00
N SER C 30 1.33 -6.70 55.02
CA SER C 30 2.57 -6.90 54.29
C SER C 30 3.33 -8.13 54.80
N ASN C 31 3.39 -9.18 54.00
CA ASN C 31 4.08 -10.40 54.40
C ASN C 31 5.43 -10.53 53.73
N PRO C 32 6.50 -10.54 54.54
CA PRO C 32 7.86 -10.73 54.03
C PRO C 32 7.94 -11.99 53.17
N GLY C 33 8.63 -11.89 52.03
CA GLY C 33 8.72 -13.00 51.12
C GLY C 33 9.77 -12.78 50.05
N LYS C 34 9.60 -13.44 48.91
CA LYS C 34 10.53 -13.32 47.81
C LYS C 34 9.77 -13.07 46.51
N ILE C 35 10.15 -12.00 45.83
CA ILE C 35 9.57 -11.62 44.54
C ILE C 35 10.61 -11.65 43.42
N LYS C 36 10.26 -12.32 42.32
CA LYS C 36 11.12 -12.41 41.16
C LYS C 36 10.46 -11.94 39.87
N PHE C 37 11.22 -11.15 39.10
CA PHE C 37 10.79 -10.63 37.81
C PHE C 37 11.50 -11.41 36.69
N THR C 38 10.75 -12.26 36.00
CA THR C 38 11.31 -12.99 34.86
C THR C 38 10.63 -12.54 33.57
N PRO C 39 11.38 -12.51 32.46
CA PRO C 39 10.72 -12.23 31.17
C PRO C 39 9.80 -13.37 30.77
N GLY C 40 8.58 -13.01 30.35
CA GLY C 40 7.58 -14.00 29.97
C GLY C 40 6.87 -13.67 28.68
N GLY C 41 5.77 -14.37 28.41
CA GLY C 41 5.03 -14.18 27.17
C GLY C 41 5.42 -15.21 26.12
N VAL C 42 4.42 -15.98 25.66
CA VAL C 42 4.64 -17.09 24.74
C VAL C 42 5.54 -16.75 23.55
N GLY C 43 5.20 -15.69 22.83
CA GLY C 43 5.99 -15.26 21.69
C GLY C 43 7.42 -14.92 22.06
N ARG C 44 7.58 -14.08 23.08
CA ARG C 44 8.90 -13.65 23.54
C ARG C 44 9.73 -14.85 23.99
N ASN C 45 9.13 -15.72 24.80
CA ASN C 45 9.81 -16.93 25.28
C ASN C 45 10.28 -17.84 24.16
N ILE C 46 9.39 -18.05 23.18
CA ILE C 46 9.73 -18.86 22.01
C ILE C 46 10.90 -18.24 21.26
N ALA C 47 10.81 -16.94 21.02
CA ALA C 47 11.88 -16.20 20.35
C ALA C 47 13.22 -16.41 21.07
N GLN C 48 13.20 -16.32 22.39
CA GLN C 48 14.41 -16.51 23.17
C GLN C 48 14.97 -17.90 22.99
N ASN C 49 14.11 -18.91 23.09
CA ASN C 49 14.57 -20.30 22.90
C ASN C 49 15.13 -20.53 21.50
N LEU C 50 14.57 -19.82 20.51
CA LEU C 50 15.05 -19.94 19.14
C LEU C 50 16.44 -19.32 19.00
N ALA C 51 16.64 -18.18 19.65
CA ALA C 51 17.95 -17.54 19.66
C ALA C 51 18.98 -18.45 20.34
N LEU C 52 18.58 -19.06 21.45
CA LEU C 52 19.43 -20.00 22.18
C LEU C 52 19.68 -21.27 21.38
N LEU C 53 18.81 -21.57 20.42
CA LEU C 53 19.00 -22.73 19.56
C LEU C 53 19.81 -22.35 18.33
N GLY C 54 20.33 -21.11 18.32
CA GLY C 54 21.22 -20.67 17.28
C GLY C 54 20.54 -20.15 16.02
N ASN C 55 19.34 -19.61 16.16
CA ASN C 55 18.62 -19.04 15.03
C ASN C 55 18.58 -17.51 15.14
N LYS C 56 18.73 -16.83 14.01
CA LYS C 56 18.53 -15.38 14.00
C LYS C 56 17.04 -15.10 14.11
N ALA C 57 16.63 -14.65 15.29
CA ALA C 57 15.20 -14.54 15.60
C ALA C 57 14.76 -13.09 15.82
N TRP C 58 13.72 -12.70 15.08
CA TRP C 58 13.14 -11.37 15.20
C TRP C 58 11.79 -11.44 15.89
N LEU C 59 11.65 -10.68 16.97
CA LEU C 59 10.40 -10.65 17.71
C LEU C 59 9.54 -9.47 17.26
N LEU C 60 8.29 -9.77 16.90
CA LEU C 60 7.34 -8.74 16.53
C LEU C 60 6.24 -8.70 17.59
N SER C 61 6.41 -7.82 18.56
CA SER C 61 5.51 -7.74 19.71
C SER C 61 5.17 -6.30 20.07
N ALA C 62 4.53 -6.13 21.21
CA ALA C 62 4.21 -4.80 21.71
C ALA C 62 4.50 -4.66 23.21
N VAL C 63 5.26 -3.63 23.57
CA VAL C 63 5.48 -3.30 24.97
C VAL C 63 5.09 -1.85 25.21
N GLY C 64 5.00 -1.46 26.48
CA GLY C 64 4.55 -0.13 26.84
C GLY C 64 5.62 0.94 26.78
N SER C 65 5.20 2.19 26.91
CA SER C 65 6.12 3.32 26.93
C SER C 65 6.87 3.41 28.27
N ASP C 66 6.43 2.62 29.24
CA ASP C 66 7.09 2.55 30.54
C ASP C 66 8.50 1.97 30.42
N PHE C 67 9.32 2.26 31.41
CA PHE C 67 10.74 1.90 31.38
C PHE C 67 10.97 0.39 31.51
N TYR C 68 10.07 -0.27 32.21
CA TYR C 68 10.19 -1.70 32.49
C TYR C 68 9.99 -2.52 31.22
N GLY C 69 9.21 -1.98 30.29
CA GLY C 69 9.06 -2.60 28.98
C GLY C 69 10.34 -2.54 28.20
N GLN C 70 11.03 -1.40 28.32
CA GLN C 70 12.28 -1.18 27.61
C GLN C 70 13.36 -2.09 28.18
N SER C 71 13.26 -2.39 29.47
CA SER C 71 14.19 -3.33 30.08
C SER C 71 13.84 -4.77 29.71
N LEU C 72 12.56 -5.04 29.49
CA LEU C 72 12.14 -6.35 28.99
C LEU C 72 12.75 -6.60 27.62
N LEU C 73 12.56 -5.63 26.72
CA LEU C 73 13.17 -5.67 25.40
C LEU C 73 14.69 -5.80 25.46
N THR C 74 15.31 -5.09 26.40
CA THR C 74 16.76 -5.14 26.56
C THR C 74 17.29 -6.52 26.98
N GLN C 75 16.68 -7.10 28.01
CA GLN C 75 17.02 -8.44 28.47
C GLN C 75 16.84 -9.45 27.34
N THR C 76 15.73 -9.31 26.62
CA THR C 76 15.42 -10.20 25.50
C THR C 76 16.48 -10.06 24.41
N ASN C 77 16.87 -8.83 24.15
CA ASN C 77 17.90 -8.54 23.14
C ASN C 77 19.23 -9.15 23.49
N GLN C 78 19.54 -9.20 24.78
CA GLN C 78 20.82 -9.75 25.19
C GLN C 78 20.70 -11.26 25.40
N SER C 79 19.51 -11.79 25.14
CA SER C 79 19.37 -13.23 24.93
C SER C 79 19.69 -13.62 23.49
N GLY C 80 19.94 -12.63 22.64
CA GLY C 80 20.23 -12.89 21.22
C GLY C 80 19.12 -12.51 20.27
N VAL C 81 17.94 -12.23 20.82
CA VAL C 81 16.78 -11.87 20.01
C VAL C 81 16.87 -10.44 19.46
N TYR C 82 16.47 -10.26 18.21
CA TYR C 82 16.43 -8.94 17.58
C TYR C 82 15.09 -8.26 17.86
N VAL C 83 15.11 -7.23 18.69
CA VAL C 83 13.87 -6.61 19.16
C VAL C 83 13.56 -5.24 18.56
N ASP C 84 14.31 -4.83 17.54
CA ASP C 84 14.22 -3.46 17.03
C ASP C 84 12.95 -3.18 16.25
N LYS C 85 12.21 -4.22 15.89
CA LYS C 85 10.94 -4.02 15.19
C LYS C 85 9.76 -4.10 16.15
N CYS C 86 10.03 -4.42 17.41
CA CYS C 86 8.98 -4.46 18.42
C CYS C 86 8.33 -3.10 18.60
N LEU C 87 7.00 -3.07 18.49
CA LEU C 87 6.24 -1.84 18.67
C LEU C 87 6.25 -1.41 20.13
N ILE C 88 6.63 -0.17 20.40
CA ILE C 88 6.50 0.37 21.74
C ILE C 88 5.32 1.33 21.75
N VAL C 89 4.30 1.02 22.55
CA VAL C 89 3.06 1.79 22.53
C VAL C 89 3.08 2.88 23.61
N PRO C 90 2.97 4.14 23.19
CA PRO C 90 2.99 5.29 24.08
C PRO C 90 1.69 5.42 24.88
N GLY C 91 1.81 5.78 26.16
CA GLY C 91 0.64 6.00 26.99
C GLY C 91 -0.01 4.73 27.48
N GLU C 92 0.71 3.61 27.36
CA GLU C 92 0.21 2.32 27.80
C GLU C 92 1.24 1.60 28.66
N ASN C 93 0.82 0.51 29.29
CA ASN C 93 1.68 -0.22 30.21
C ASN C 93 2.05 -1.57 29.62
N THR C 94 3.28 -1.99 29.89
CA THR C 94 3.76 -3.28 29.44
C THR C 94 2.93 -4.38 30.08
N SER C 95 2.54 -5.37 29.28
CA SER C 95 1.70 -6.46 29.77
C SER C 95 2.44 -7.30 30.80
N SER C 96 1.69 -7.97 31.68
CA SER C 96 2.35 -8.70 32.76
C SER C 96 1.52 -9.84 33.34
N TYR C 97 2.22 -10.84 33.89
CA TYR C 97 1.56 -11.97 34.54
C TYR C 97 1.96 -12.04 36.02
N LEU C 98 1.02 -11.66 36.87
CA LEU C 98 1.18 -11.69 38.32
C LEU C 98 0.82 -13.06 38.89
N SER C 99 1.70 -13.60 39.72
CA SER C 99 1.52 -14.96 40.26
C SER C 99 1.87 -15.04 41.75
N LEU C 100 0.88 -15.41 42.56
CA LEU C 100 1.09 -15.57 44.00
C LEU C 100 1.26 -17.03 44.42
N LEU C 101 2.47 -17.36 44.83
CA LEU C 101 2.76 -18.67 45.35
C LEU C 101 2.98 -18.51 46.84
N ASP C 102 3.36 -19.59 47.50
CA ASP C 102 3.88 -19.54 48.86
C ASP C 102 5.02 -20.58 48.95
N ASN C 103 5.47 -20.90 50.17
CA ASN C 103 6.60 -21.82 50.39
C ASN C 103 6.64 -22.98 49.39
N THR C 104 5.48 -23.59 49.17
CA THR C 104 5.24 -24.62 48.17
C THR C 104 5.86 -24.42 46.80
N GLY C 105 5.31 -23.46 46.05
CA GLY C 105 5.66 -23.20 44.66
C GLY C 105 4.39 -23.49 43.88
N GLU C 106 3.29 -23.48 44.63
CA GLU C 106 1.96 -23.73 44.10
C GLU C 106 1.21 -22.41 43.89
N MET C 107 0.69 -22.21 42.69
CA MET C 107 -0.03 -20.97 42.37
C MET C 107 -1.34 -20.88 43.16
N LEU C 108 -1.41 -19.90 44.04
CA LEU C 108 -2.62 -19.65 44.82
C LEU C 108 -3.62 -18.88 43.97
N VAL C 109 -3.17 -17.74 43.44
CA VAL C 109 -4.00 -16.93 42.56
C VAL C 109 -3.08 -16.25 41.54
N ALA C 110 -3.65 -15.85 40.40
CA ALA C 110 -2.89 -15.19 39.35
C ALA C 110 -3.72 -14.15 38.61
N ILE C 111 -3.05 -13.08 38.20
CA ILE C 111 -3.68 -12.00 37.45
C ILE C 111 -2.92 -11.83 36.15
N ASN C 112 -3.61 -11.46 35.07
CA ASN C 112 -2.90 -11.15 33.84
C ASN C 112 -3.42 -9.86 33.22
N ASP C 113 -2.47 -8.97 32.90
CA ASP C 113 -2.78 -7.72 32.24
C ASP C 113 -2.13 -7.75 30.86
N MET C 114 -2.78 -8.46 29.93
CA MET C 114 -2.25 -8.68 28.59
C MET C 114 -3.00 -7.92 27.50
N ASN C 115 -3.45 -6.69 27.78
CA ASN C 115 -4.30 -5.97 26.83
C ASN C 115 -3.55 -5.38 25.64
N ILE C 116 -2.29 -5.01 25.82
CA ILE C 116 -1.54 -4.37 24.74
C ILE C 116 -1.15 -5.40 23.66
N SER C 117 -1.48 -6.66 23.91
CA SER C 117 -1.37 -7.69 22.89
C SER C 117 -2.28 -7.33 21.72
N ASN C 118 -3.29 -6.51 22.02
CA ASN C 118 -4.23 -6.06 20.98
C ASN C 118 -3.64 -4.91 20.17
N ALA C 119 -2.50 -4.38 20.61
CA ALA C 119 -1.78 -3.37 19.85
C ALA C 119 -0.96 -4.00 18.72
N ILE C 120 -0.75 -5.31 18.82
CA ILE C 120 -0.09 -6.04 17.75
C ILE C 120 -1.08 -6.19 16.60
N THR C 121 -1.25 -5.10 15.86
CA THR C 121 -2.30 -4.99 14.84
C THR C 121 -1.84 -5.41 13.45
N ALA C 122 -2.81 -5.62 12.56
CA ALA C 122 -2.55 -6.00 11.17
C ALA C 122 -1.81 -4.89 10.43
N GLU C 123 -2.11 -3.64 10.79
CA GLU C 123 -1.40 -2.48 10.26
C GLU C 123 0.09 -2.53 10.59
N TYR C 124 0.38 -2.85 11.84
CA TYR C 124 1.74 -2.96 12.36
C TYR C 124 2.52 -4.03 11.57
N LEU C 125 1.93 -5.20 11.44
CA LEU C 125 2.55 -6.32 10.73
C LEU C 125 2.70 -6.01 9.25
N ALA C 126 1.74 -5.25 8.72
CA ALA C 126 1.76 -4.81 7.33
C ALA C 126 2.93 -3.88 7.08
N GLN C 127 3.30 -3.09 8.08
CA GLN C 127 4.47 -2.23 7.95
C GLN C 127 5.77 -3.05 7.87
N HIS C 128 5.68 -4.34 8.18
CA HIS C 128 6.82 -5.23 8.07
C HIS C 128 6.53 -6.41 7.15
N ARG C 129 5.54 -6.25 6.28
CA ARG C 129 5.08 -7.29 5.37
C ARG C 129 6.23 -8.03 4.66
N GLU C 130 7.10 -7.28 3.98
CA GLU C 130 8.16 -7.84 3.16
C GLU C 130 9.17 -8.64 4.00
N PHE C 131 9.57 -8.04 5.12
CA PHE C 131 10.47 -8.69 6.08
C PHE C 131 9.90 -10.01 6.56
N ILE C 132 8.63 -9.97 6.96
CA ILE C 132 7.93 -11.16 7.41
C ILE C 132 7.89 -12.22 6.31
N GLN C 133 7.62 -11.80 5.08
CA GLN C 133 7.49 -12.74 3.97
C GLN C 133 8.85 -13.28 3.51
N ARG C 134 9.94 -12.73 4.03
CA ARG C 134 11.25 -13.30 3.69
C ARG C 134 11.88 -14.10 4.84
N ALA C 135 11.11 -14.39 5.88
CA ALA C 135 11.61 -15.28 6.94
C ALA C 135 11.57 -16.72 6.46
N LYS C 136 12.36 -17.59 7.08
CA LYS C 136 12.33 -19.00 6.69
C LYS C 136 11.14 -19.69 7.37
N VAL C 137 10.71 -19.16 8.50
CA VAL C 137 9.50 -19.64 9.16
C VAL C 137 8.92 -18.57 10.07
N ILE C 138 7.59 -18.53 10.14
CA ILE C 138 6.88 -17.60 11.03
C ILE C 138 6.21 -18.34 12.19
N VAL C 139 6.50 -17.93 13.42
CA VAL C 139 5.84 -18.51 14.58
C VAL C 139 4.90 -17.51 15.24
N ALA C 140 3.64 -17.89 15.42
CA ALA C 140 2.63 -17.00 16.00
C ALA C 140 1.92 -17.64 17.18
N ASP C 141 1.64 -16.85 18.21
CA ASP C 141 0.85 -17.34 19.34
C ASP C 141 -0.56 -16.76 19.24
N CYS C 142 -1.51 -17.37 19.92
CA CYS C 142 -2.90 -16.96 19.83
C CYS C 142 -3.27 -15.92 20.89
N ASN C 143 -2.25 -15.30 21.49
CA ASN C 143 -2.49 -14.16 22.36
C ASN C 143 -2.88 -12.93 21.55
N ILE C 144 -2.46 -12.90 20.29
CA ILE C 144 -2.78 -11.79 19.43
C ILE C 144 -4.25 -11.88 19.00
N SER C 145 -4.77 -10.81 18.41
CA SER C 145 -6.18 -10.78 18.02
C SER C 145 -6.44 -11.69 16.83
N GLU C 146 -7.71 -12.06 16.64
CA GLU C 146 -8.10 -12.88 15.51
C GLU C 146 -7.80 -12.16 14.20
N GLU C 147 -7.99 -10.85 14.18
CA GLU C 147 -7.65 -10.05 13.00
C GLU C 147 -6.16 -10.17 12.67
N ALA C 148 -5.32 -10.13 13.69
CA ALA C 148 -3.88 -10.16 13.49
C ALA C 148 -3.43 -11.52 12.97
N LEU C 149 -3.94 -12.58 13.59
CA LEU C 149 -3.64 -13.94 13.17
C LEU C 149 -4.11 -14.17 11.74
N ALA C 150 -5.32 -13.69 11.45
CA ALA C 150 -5.89 -13.78 10.11
C ALA C 150 -5.01 -13.09 9.09
N TRP C 151 -4.54 -11.89 9.42
CA TRP C 151 -3.61 -11.18 8.55
C TRP C 151 -2.36 -12.00 8.29
N ILE C 152 -1.76 -12.53 9.37
CA ILE C 152 -0.55 -13.34 9.24
C ILE C 152 -0.77 -14.52 8.29
N LEU C 153 -1.80 -15.30 8.56
CA LEU C 153 -2.08 -16.50 7.78
C LEU C 153 -2.44 -16.15 6.33
N ASP C 154 -3.02 -14.97 6.12
CA ASP C 154 -3.40 -14.53 4.78
C ASP C 154 -2.25 -13.92 3.99
N ASN C 155 -1.20 -13.50 4.68
CA ASN C 155 -0.08 -12.83 4.02
C ASN C 155 1.26 -13.52 4.23
N ALA C 156 1.24 -14.83 4.42
CA ALA C 156 2.47 -15.57 4.74
C ALA C 156 3.31 -15.85 3.50
N ALA C 157 2.71 -15.72 2.32
CA ALA C 157 3.40 -15.91 1.05
C ALA C 157 4.17 -17.24 1.02
N ASN C 158 3.46 -18.31 1.37
CA ASN C 158 3.99 -19.68 1.37
C ASN C 158 5.09 -19.92 2.40
N VAL C 159 5.30 -18.98 3.31
CA VAL C 159 6.18 -19.23 4.45
C VAL C 159 5.38 -20.00 5.50
N PRO C 160 5.90 -21.15 5.94
CA PRO C 160 5.23 -21.99 6.94
C PRO C 160 4.94 -21.23 8.23
N VAL C 161 3.69 -21.27 8.68
CA VAL C 161 3.33 -20.66 9.95
C VAL C 161 3.11 -21.72 11.02
N PHE C 162 3.96 -21.72 12.04
CA PHE C 162 3.81 -22.55 13.22
C PHE C 162 2.98 -21.79 14.26
N VAL C 163 1.88 -22.38 14.70
CA VAL C 163 0.97 -21.69 15.61
C VAL C 163 0.89 -22.35 16.98
N ASP C 164 1.16 -21.55 18.02
CA ASP C 164 0.95 -21.97 19.41
C ASP C 164 -0.41 -21.50 19.89
N PRO C 165 -1.32 -22.44 20.18
CA PRO C 165 -2.70 -22.13 20.54
C PRO C 165 -2.85 -21.53 21.95
N VAL C 166 -1.80 -21.62 22.77
CA VAL C 166 -1.70 -20.94 24.06
C VAL C 166 -2.63 -21.52 25.13
N SER C 167 -3.94 -21.31 24.98
CA SER C 167 -4.89 -21.77 25.99
C SER C 167 -6.20 -22.24 25.37
N ALA C 168 -7.05 -22.86 26.19
CA ALA C 168 -8.34 -23.37 25.73
C ALA C 168 -9.27 -22.25 25.27
N TRP C 169 -9.11 -21.07 25.87
CA TRP C 169 -9.94 -19.91 25.55
C TRP C 169 -9.46 -19.22 24.27
N LYS C 170 -8.15 -19.16 24.10
CA LYS C 170 -7.56 -18.39 22.99
C LYS C 170 -7.32 -19.23 21.74
N CYS C 171 -7.47 -20.54 21.84
CA CYS C 171 -7.21 -21.43 20.70
C CYS C 171 -8.30 -21.40 19.63
N VAL C 172 -9.52 -21.03 20.02
CA VAL C 172 -10.67 -21.15 19.13
C VAL C 172 -10.52 -20.34 17.84
N LYS C 173 -9.75 -19.25 17.91
CA LYS C 173 -9.55 -18.37 16.76
C LYS C 173 -8.84 -19.11 15.63
N VAL C 174 -8.38 -20.31 15.92
CA VAL C 174 -7.62 -21.13 14.97
C VAL C 174 -8.53 -22.07 14.18
N ARG C 175 -9.71 -22.38 14.74
CA ARG C 175 -10.58 -23.43 14.20
C ARG C 175 -10.91 -23.28 12.71
N ASP C 176 -11.27 -22.08 12.28
CA ASP C 176 -11.67 -21.86 10.89
C ASP C 176 -10.49 -21.61 9.96
N ARG C 177 -9.27 -21.71 10.48
CA ARG C 177 -8.12 -21.34 9.65
C ARG C 177 -7.03 -22.42 9.71
N LEU C 178 -7.43 -23.64 10.05
CA LEU C 178 -6.51 -24.76 10.11
C LEU C 178 -5.87 -25.05 8.76
N ASN C 179 -6.56 -24.73 7.68
CA ASN C 179 -6.01 -24.94 6.34
C ASN C 179 -4.84 -24.01 6.03
N GLN C 180 -4.65 -22.98 6.85
CA GLN C 180 -3.58 -22.01 6.60
C GLN C 180 -2.39 -22.20 7.54
N ILE C 181 -2.43 -23.25 8.35
CA ILE C 181 -1.39 -23.45 9.36
C ILE C 181 -0.54 -24.68 9.05
N HIS C 182 0.78 -24.49 9.00
CA HIS C 182 1.72 -25.56 8.75
C HIS C 182 1.74 -26.56 9.91
N THR C 183 1.91 -26.05 11.13
CA THR C 183 2.03 -26.89 12.31
C THR C 183 1.27 -26.29 13.50
N LEU C 184 0.40 -27.08 14.10
CA LEU C 184 -0.29 -26.67 15.32
C LEU C 184 0.14 -27.54 16.49
N LYS C 185 0.34 -26.92 17.64
CA LYS C 185 0.80 -27.65 18.83
C LYS C 185 -0.13 -27.47 20.03
N PRO C 186 -1.28 -28.16 20.04
CA PRO C 186 -2.21 -28.06 21.15
C PRO C 186 -1.95 -29.12 22.22
N ASN C 187 -2.44 -28.90 23.43
CA ASN C 187 -2.47 -29.95 24.44
C ASN C 187 -3.82 -30.67 24.37
N ARG C 188 -4.06 -31.57 25.32
CA ARG C 188 -5.33 -32.29 25.37
C ARG C 188 -6.54 -31.36 25.37
N LEU C 189 -6.58 -30.42 26.31
CA LEU C 189 -7.74 -29.56 26.47
C LEU C 189 -7.97 -28.71 25.22
N GLU C 190 -6.90 -28.18 24.65
CA GLU C 190 -7.00 -27.36 23.45
C GLU C 190 -7.50 -28.16 22.25
N ALA C 191 -6.99 -29.37 22.08
CA ALA C 191 -7.41 -30.26 21.00
C ALA C 191 -8.89 -30.64 21.14
N GLU C 192 -9.30 -30.93 22.37
CA GLU C 192 -10.70 -31.26 22.64
C GLU C 192 -11.61 -30.07 22.34
N THR C 193 -11.17 -28.89 22.76
CA THR C 193 -11.91 -27.65 22.55
C THR C 193 -12.07 -27.34 21.06
N LEU C 194 -11.00 -27.55 20.29
CA LEU C 194 -11.05 -27.28 18.86
C LEU C 194 -11.90 -28.31 18.11
N SER C 195 -11.57 -29.59 18.26
CA SER C 195 -12.21 -30.66 17.50
C SER C 195 -13.65 -30.94 17.93
N GLY C 196 -13.96 -30.68 19.19
CA GLY C 196 -15.24 -31.05 19.75
C GLY C 196 -15.31 -32.54 20.08
N ILE C 197 -14.14 -33.16 20.16
CA ILE C 197 -14.05 -34.59 20.46
C ILE C 197 -13.24 -34.79 21.74
N ALA C 198 -13.82 -35.51 22.69
CA ALA C 198 -13.16 -35.77 23.96
C ALA C 198 -12.00 -36.73 23.79
N LEU C 199 -10.90 -36.46 24.50
CA LEU C 199 -9.76 -37.36 24.49
C LEU C 199 -9.72 -38.14 25.81
N SER C 200 -10.74 -38.98 26.00
CA SER C 200 -10.88 -39.77 27.22
C SER C 200 -9.88 -40.92 27.23
N GLY C 201 -9.69 -41.50 26.06
CA GLY C 201 -8.76 -42.59 25.93
C GLY C 201 -7.87 -42.25 24.75
N ARG C 202 -6.86 -43.08 24.55
CA ARG C 202 -5.89 -42.89 23.50
C ARG C 202 -6.42 -43.36 22.15
N ASP C 203 -7.43 -44.23 22.21
CA ASP C 203 -8.14 -44.66 21.01
C ASP C 203 -8.82 -43.48 20.35
N ASP C 204 -8.90 -42.38 21.09
CA ASP C 204 -9.51 -41.16 20.60
C ASP C 204 -8.57 -40.26 19.80
N VAL C 205 -7.25 -40.39 20.02
CA VAL C 205 -6.33 -39.43 19.40
C VAL C 205 -6.43 -39.46 17.87
N ALA C 206 -6.50 -40.67 17.32
CA ALA C 206 -6.58 -40.85 15.88
C ALA C 206 -7.78 -40.07 15.37
N LYS C 207 -8.89 -40.24 16.08
CA LYS C 207 -10.16 -39.67 15.67
C LYS C 207 -9.96 -38.16 15.68
N VAL C 208 -9.33 -37.67 16.76
CA VAL C 208 -9.11 -36.24 16.90
C VAL C 208 -8.22 -35.78 15.76
N ALA C 209 -7.18 -36.56 15.50
CA ALA C 209 -6.22 -36.19 14.47
C ALA C 209 -6.97 -36.14 13.14
N ALA C 210 -7.83 -37.13 12.92
CA ALA C 210 -8.54 -37.22 11.65
C ALA C 210 -9.32 -35.93 11.45
N TRP C 211 -9.97 -35.48 12.52
CA TRP C 211 -10.80 -34.29 12.45
C TRP C 211 -9.93 -33.13 11.99
N PHE C 212 -8.76 -33.01 12.63
CA PHE C 212 -7.87 -31.90 12.34
C PHE C 212 -7.47 -31.96 10.88
N HIS C 213 -7.18 -33.16 10.39
CA HIS C 213 -6.73 -33.30 9.02
C HIS C 213 -7.88 -33.02 8.06
N GLN C 214 -9.10 -33.37 8.47
CA GLN C 214 -10.24 -33.17 7.59
C GLN C 214 -10.56 -31.68 7.46
N HIS C 215 -10.14 -30.90 8.44
CA HIS C 215 -10.36 -29.47 8.41
C HIS C 215 -9.15 -28.70 7.89
N GLY C 216 -8.20 -29.43 7.31
CA GLY C 216 -7.12 -28.81 6.56
C GLY C 216 -5.76 -28.60 7.23
N LEU C 217 -5.61 -29.04 8.47
CA LEU C 217 -4.33 -28.89 9.18
C LEU C 217 -3.25 -29.80 8.59
N ASN C 218 -2.13 -29.19 8.23
CA ASN C 218 -1.01 -29.93 7.66
C ASN C 218 -0.35 -30.87 8.66
N ARG C 219 0.08 -30.31 9.80
CA ARG C 219 0.74 -31.10 10.83
C ARG C 219 0.20 -30.80 12.23
N LEU C 220 -0.03 -31.88 12.98
CA LEU C 220 -0.52 -31.77 14.35
C LEU C 220 0.52 -32.33 15.31
N VAL C 221 0.86 -31.54 16.33
CA VAL C 221 1.72 -31.99 17.41
C VAL C 221 0.94 -31.88 18.72
N LEU C 222 0.36 -33.00 19.11
CA LEU C 222 -0.55 -33.07 20.25
C LEU C 222 0.18 -33.49 21.53
N SER C 223 0.44 -32.53 22.41
CA SER C 223 1.07 -32.83 23.69
C SER C 223 0.06 -33.39 24.68
N MET C 224 0.34 -34.58 25.19
CA MET C 224 -0.57 -35.24 26.12
C MET C 224 0.06 -35.32 27.50
N GLY C 225 1.01 -34.42 27.76
CA GLY C 225 1.72 -34.32 29.03
C GLY C 225 2.63 -35.48 29.42
N GLY C 226 2.29 -36.17 30.50
CA GLY C 226 3.10 -37.25 31.04
C GLY C 226 2.92 -38.46 30.15
N ASP C 227 1.88 -38.35 29.32
CA ASP C 227 1.50 -39.36 28.37
C ASP C 227 2.37 -39.28 27.10
N GLY C 228 2.86 -38.08 26.79
CA GLY C 228 3.79 -37.91 25.69
C GLY C 228 3.25 -37.04 24.57
N VAL C 229 3.77 -37.23 23.36
CA VAL C 229 3.31 -36.47 22.19
C VAL C 229 2.82 -37.35 21.04
N TYR C 230 1.63 -37.05 20.52
CA TYR C 230 1.15 -37.69 19.29
C TYR C 230 1.41 -36.77 18.12
N TYR C 231 2.13 -37.25 17.11
CA TYR C 231 2.32 -36.40 15.94
C TYR C 231 1.62 -36.98 14.72
N SER C 232 1.01 -36.11 13.92
CA SER C 232 0.29 -36.55 12.74
C SER C 232 0.47 -35.63 11.54
N ASP C 233 0.88 -36.21 10.41
CA ASP C 233 1.01 -35.47 9.17
C ASP C 233 -0.17 -35.80 8.24
N ILE C 234 -0.73 -34.77 7.61
CA ILE C 234 -1.86 -34.92 6.72
C ILE C 234 -1.55 -35.87 5.53
N ARG C 235 -0.27 -36.13 5.28
CA ARG C 235 0.12 -37.04 4.22
C ARG C 235 0.12 -38.51 4.66
N GLY C 236 -0.29 -38.76 5.91
CA GLY C 236 -0.44 -40.11 6.40
C GLY C 236 0.49 -40.57 7.50
N GLU C 237 1.65 -39.93 7.62
CA GLU C 237 2.59 -40.27 8.69
C GLU C 237 2.06 -39.86 10.06
N ASN C 238 2.02 -40.81 11.00
CA ASN C 238 1.65 -40.50 12.37
C ASN C 238 2.40 -41.40 13.32
N GLY C 239 2.64 -40.92 14.54
CA GLY C 239 3.39 -41.71 15.49
C GLY C 239 3.35 -41.22 16.93
N TRP C 240 3.98 -41.99 17.80
CA TRP C 240 4.03 -41.67 19.22
C TRP C 240 5.45 -41.34 19.67
N SER C 241 5.58 -40.33 20.52
CA SER C 241 6.85 -40.07 21.17
C SER C 241 6.65 -40.04 22.68
N ALA C 242 7.32 -40.97 23.36
CA ALA C 242 7.22 -41.08 24.82
C ALA C 242 7.84 -39.86 25.46
N PRO C 243 7.34 -39.47 26.64
CA PRO C 243 7.91 -38.31 27.33
C PRO C 243 9.34 -38.60 27.79
N ILE C 244 10.20 -37.58 27.77
CA ILE C 244 11.53 -37.70 28.34
C ILE C 244 11.47 -37.65 29.87
N LYS C 245 11.96 -38.70 30.51
CA LYS C 245 12.15 -38.72 31.97
C LYS C 245 12.82 -37.45 32.47
N THR C 246 12.07 -36.61 33.16
CA THR C 246 12.65 -35.37 33.67
C THR C 246 12.22 -35.13 35.11
N ASN C 247 13.16 -34.69 35.95
CA ASN C 247 12.78 -34.16 37.26
C ASN C 247 12.26 -32.72 37.15
N VAL C 248 10.94 -32.61 37.11
CA VAL C 248 10.24 -31.35 36.94
C VAL C 248 10.23 -30.53 38.22
N ILE C 249 10.85 -29.37 38.11
CA ILE C 249 10.95 -28.36 39.13
C ILE C 249 10.01 -27.16 38.90
N ASN C 250 10.00 -26.66 37.68
CA ASN C 250 8.99 -25.71 37.26
C ASN C 250 8.44 -26.08 35.88
N VAL C 251 7.11 -26.16 35.75
CA VAL C 251 6.47 -26.56 34.50
C VAL C 251 6.39 -25.42 33.47
N THR C 252 6.70 -24.20 33.90
CA THR C 252 6.59 -23.04 33.01
C THR C 252 7.63 -23.10 31.88
N GLY C 253 7.24 -22.64 30.70
CA GLY C 253 8.14 -22.57 29.58
C GLY C 253 8.32 -23.85 28.77
N ALA C 254 7.63 -24.91 29.16
CA ALA C 254 7.74 -26.20 28.48
C ALA C 254 7.28 -26.12 27.01
N GLY C 255 6.05 -25.69 26.81
CA GLY C 255 5.47 -25.57 25.48
C GLY C 255 6.22 -24.59 24.60
N ASP C 256 6.77 -23.54 25.21
CA ASP C 256 7.54 -22.54 24.48
C ASP C 256 8.82 -23.15 23.91
N ALA C 257 9.47 -23.96 24.74
CA ALA C 257 10.69 -24.64 24.32
C ALA C 257 10.38 -25.67 23.25
N MET C 258 9.26 -26.37 23.41
CA MET C 258 8.83 -27.34 22.41
C MET C 258 8.57 -26.68 21.04
N MET C 259 7.81 -25.59 21.04
CA MET C 259 7.51 -24.86 19.81
C MET C 259 8.80 -24.41 19.13
N ALA C 260 9.69 -23.82 19.93
CA ALA C 260 10.98 -23.36 19.41
C ALA C 260 11.76 -24.50 18.78
N GLY C 261 11.78 -25.65 19.46
CA GLY C 261 12.41 -26.84 18.93
C GLY C 261 11.84 -27.26 17.58
N LEU C 262 10.51 -27.26 17.47
CA LEU C 262 9.84 -27.64 16.24
C LEU C 262 10.23 -26.73 15.07
N ALA C 263 10.10 -25.43 15.28
CA ALA C 263 10.43 -24.46 14.24
C ALA C 263 11.91 -24.55 13.83
N SER C 264 12.79 -24.61 14.82
CA SER C 264 14.22 -24.68 14.57
C SER C 264 14.58 -25.91 13.76
N CYS C 265 14.01 -27.06 14.16
CA CYS C 265 14.27 -28.30 13.45
C CYS C 265 13.73 -28.29 12.03
N TRP C 266 12.57 -27.66 11.83
CA TRP C 266 12.03 -27.52 10.47
C TRP C 266 13.01 -26.73 9.60
N VAL C 267 13.52 -25.63 10.16
CA VAL C 267 14.50 -24.81 9.45
C VAL C 267 15.79 -25.59 9.15
N ASP C 268 16.16 -26.50 10.06
CA ASP C 268 17.38 -27.28 9.87
C ASP C 268 17.19 -28.49 8.96
N GLY C 269 16.01 -28.61 8.35
CA GLY C 269 15.75 -29.67 7.39
C GLY C 269 15.53 -31.04 8.00
N MET C 270 15.23 -31.09 9.30
CA MET C 270 15.00 -32.34 9.99
C MET C 270 13.63 -32.94 9.67
N PRO C 271 13.54 -34.28 9.64
CA PRO C 271 12.26 -34.97 9.48
C PRO C 271 11.32 -34.71 10.65
N PHE C 272 10.04 -35.00 10.46
CA PHE C 272 8.98 -34.70 11.41
C PHE C 272 9.23 -35.38 12.77
N ALA C 273 9.34 -36.70 12.77
CA ALA C 273 9.49 -37.49 14.00
C ALA C 273 10.68 -37.05 14.87
N GLU C 274 11.86 -36.94 14.25
CA GLU C 274 13.06 -36.55 14.98
C GLU C 274 12.96 -35.10 15.48
N SER C 275 12.26 -34.27 14.73
CA SER C 275 12.01 -32.89 15.15
C SER C 275 11.12 -32.89 16.40
N VAL C 276 10.18 -33.82 16.45
CA VAL C 276 9.29 -33.91 17.60
C VAL C 276 10.07 -34.37 18.83
N ARG C 277 10.92 -35.38 18.65
CA ARG C 277 11.75 -35.85 19.76
C ARG C 277 12.66 -34.74 20.29
N PHE C 278 13.26 -34.00 19.36
CA PHE C 278 14.12 -32.87 19.70
C PHE C 278 13.35 -31.81 20.49
N ALA C 279 12.13 -31.53 20.04
CA ALA C 279 11.29 -30.53 20.68
C ALA C 279 10.96 -30.96 22.10
N GLN C 280 10.72 -32.26 22.27
CA GLN C 280 10.49 -32.84 23.58
C GLN C 280 11.72 -32.66 24.46
N GLY C 281 12.90 -32.78 23.86
CA GLY C 281 14.12 -32.54 24.60
C GLY C 281 14.22 -31.11 25.07
N CYS C 282 13.79 -30.19 24.22
CA CYS C 282 13.77 -28.77 24.59
C CYS C 282 12.84 -28.52 25.76
N SER C 283 11.64 -29.09 25.70
CA SER C 283 10.66 -28.89 26.77
C SER C 283 11.19 -29.52 28.05
N SER C 284 11.92 -30.62 27.91
CA SER C 284 12.56 -31.28 29.04
C SER C 284 13.57 -30.38 29.71
N MET C 285 14.40 -29.71 28.91
CA MET C 285 15.35 -28.75 29.46
C MET C 285 14.61 -27.61 30.17
N ALA C 286 13.48 -27.18 29.60
CA ALA C 286 12.68 -26.14 30.22
C ALA C 286 12.11 -26.57 31.58
N LEU C 287 11.68 -27.83 31.66
CA LEU C 287 11.05 -28.37 32.87
C LEU C 287 12.05 -28.52 34.02
N SER C 288 13.30 -28.79 33.68
CA SER C 288 14.35 -29.01 34.68
C SER C 288 15.00 -27.70 35.13
N CYS C 289 14.37 -26.57 34.81
CA CYS C 289 14.91 -25.24 35.12
C CYS C 289 13.90 -24.41 35.92
N GLU C 290 14.39 -23.56 36.81
CA GLU C 290 13.48 -22.77 37.64
C GLU C 290 12.89 -21.60 36.84
N TYR C 291 13.62 -21.18 35.81
CA TYR C 291 13.22 -20.09 34.96
C TYR C 291 12.31 -20.52 33.82
N THR C 292 11.61 -19.54 33.26
CA THR C 292 10.74 -19.77 32.12
C THR C 292 11.57 -20.27 30.94
N ASN C 293 12.73 -19.64 30.75
CA ASN C 293 13.71 -20.09 29.76
C ASN C 293 14.96 -20.65 30.42
N ASN C 294 15.28 -21.92 30.13
CA ASN C 294 16.55 -22.48 30.55
C ASN C 294 17.68 -21.84 29.76
N PRO C 295 18.58 -21.12 30.45
CA PRO C 295 19.67 -20.42 29.77
C PRO C 295 20.69 -21.36 29.15
N ASP C 296 20.69 -22.62 29.56
CA ASP C 296 21.62 -23.60 29.02
C ASP C 296 21.02 -24.41 27.87
N LEU C 297 19.90 -23.93 27.33
CA LEU C 297 19.30 -24.55 26.16
C LEU C 297 20.19 -24.39 24.93
N SER C 298 20.67 -25.51 24.41
CA SER C 298 21.54 -25.51 23.25
C SER C 298 21.23 -26.74 22.39
N ILE C 299 21.66 -26.73 21.14
CA ILE C 299 21.49 -27.89 20.28
C ILE C 299 22.21 -29.11 20.86
N ALA C 300 23.45 -28.90 21.30
CA ALA C 300 24.27 -29.96 21.86
C ALA C 300 23.63 -30.62 23.08
N ASN C 301 23.14 -29.80 24.01
CA ASN C 301 22.56 -30.30 25.24
C ASN C 301 21.23 -31.02 25.03
N VAL C 302 20.41 -30.48 24.14
CA VAL C 302 19.15 -31.13 23.78
C VAL C 302 19.44 -32.48 23.12
N ILE C 303 20.41 -32.50 22.22
CA ILE C 303 20.81 -33.74 21.54
C ILE C 303 21.27 -34.80 22.53
N SER C 304 22.18 -34.41 23.43
CA SER C 304 22.66 -35.30 24.48
C SER C 304 21.50 -35.85 25.30
N LEU C 305 20.59 -34.94 25.68
CA LEU C 305 19.41 -35.30 26.45
C LEU C 305 18.56 -36.32 25.71
N VAL C 306 18.45 -36.16 24.39
CA VAL C 306 17.65 -37.04 23.56
C VAL C 306 18.28 -38.43 23.42
N GLU C 307 19.61 -38.50 23.30
CA GLU C 307 20.25 -39.80 23.13
C GLU C 307 20.35 -40.55 24.46
N ASN C 308 19.85 -39.93 25.52
CA ASN C 308 19.49 -40.66 26.74
C ASN C 308 18.14 -41.36 26.57
N ALA C 309 18.17 -42.62 26.15
CA ALA C 309 16.94 -43.36 25.88
C ALA C 309 17.18 -44.86 25.95
N GLU D 3 24.28 26.80 41.91
CA GLU D 3 24.07 26.54 43.30
C GLU D 3 24.44 25.07 43.46
N LYS D 4 25.32 24.79 44.42
CA LYS D 4 25.72 23.42 44.71
C LYS D 4 25.41 22.86 46.10
N ASP D 5 24.36 23.39 46.72
CA ASP D 5 23.78 22.77 47.89
C ASP D 5 22.98 21.57 47.43
N TYR D 6 23.17 20.44 48.09
CA TYR D 6 22.40 19.26 47.73
C TYR D 6 21.89 18.49 48.96
N VAL D 7 20.94 17.61 48.70
CA VAL D 7 20.36 16.80 49.76
C VAL D 7 20.67 15.33 49.48
N VAL D 8 21.07 14.61 50.52
CA VAL D 8 21.33 13.17 50.35
C VAL D 8 20.20 12.37 50.99
N ILE D 9 19.65 11.43 50.24
CA ILE D 9 18.60 10.57 50.74
C ILE D 9 19.08 9.12 50.76
N ILE D 10 19.23 8.57 51.96
CA ILE D 10 19.63 7.18 52.11
C ILE D 10 18.47 6.31 52.54
N GLY D 11 17.96 5.51 51.60
CA GLY D 11 16.82 4.66 51.86
C GLY D 11 16.65 3.58 50.81
N SER D 12 15.51 2.90 50.84
CA SER D 12 15.27 1.78 49.95
C SER D 12 14.62 2.21 48.63
N ALA D 13 15.01 1.54 47.55
CA ALA D 13 14.40 1.75 46.24
C ALA D 13 13.81 0.45 45.71
N ASN D 14 12.49 0.45 45.56
CA ASN D 14 11.78 -0.77 45.18
C ASN D 14 10.90 -0.61 43.94
N ILE D 15 10.39 -1.73 43.44
CA ILE D 15 9.38 -1.71 42.39
C ILE D 15 8.05 -2.18 42.97
N ASP D 16 7.07 -1.28 42.96
CA ASP D 16 5.74 -1.60 43.45
C ASP D 16 4.90 -2.18 42.32
N VAL D 17 4.44 -3.42 42.53
CA VAL D 17 3.58 -4.06 41.55
C VAL D 17 2.18 -4.23 42.11
N ALA D 18 1.21 -3.50 41.54
CA ALA D 18 -0.16 -3.57 42.03
C ALA D 18 -1.08 -4.26 41.02
N GLY D 19 -1.79 -5.29 41.47
CA GLY D 19 -2.68 -6.00 40.57
C GLY D 19 -4.10 -6.13 41.11
N TYR D 20 -5.08 -5.81 40.28
CA TYR D 20 -6.48 -6.04 40.64
C TYR D 20 -7.28 -6.57 39.45
N SER D 21 -8.22 -7.48 39.70
CA SER D 21 -9.03 -8.07 38.61
C SER D 21 -10.23 -7.26 38.13
N HIS D 22 -10.63 -7.51 36.88
CA HIS D 22 -11.76 -6.80 36.25
C HIS D 22 -13.10 -7.31 36.72
N GLU D 23 -13.15 -8.60 37.01
CA GLU D 23 -14.32 -9.27 37.53
C GLU D 23 -13.79 -9.69 38.88
N SER D 24 -14.31 -10.76 39.46
CA SER D 24 -13.80 -11.16 40.75
C SER D 24 -13.26 -12.61 40.70
N LEU D 25 -12.52 -12.98 41.74
CA LEU D 25 -11.35 -13.83 41.62
C LEU D 25 -11.58 -15.33 41.78
N ASN D 26 -11.49 -16.04 40.65
CA ASN D 26 -11.52 -17.49 40.66
C ASN D 26 -10.14 -18.02 41.01
N TYR D 27 -9.96 -18.35 42.29
CA TYR D 27 -8.66 -18.80 42.79
C TYR D 27 -8.19 -20.03 42.02
N ALA D 28 -6.88 -20.23 42.02
CA ALA D 28 -6.24 -21.29 41.23
C ALA D 28 -6.64 -21.18 39.76
N ASP D 29 -6.56 -19.97 39.22
CA ASP D 29 -6.85 -19.70 37.81
C ASP D 29 -6.31 -18.36 37.35
N SER D 30 -5.85 -18.29 36.10
CA SER D 30 -5.43 -17.04 35.51
C SER D 30 -6.62 -16.10 35.40
N ASN D 31 -6.63 -15.07 36.26
CA ASN D 31 -7.74 -14.14 36.28
C ASN D 31 -7.37 -12.78 35.68
N PRO D 32 -8.03 -12.41 34.58
CA PRO D 32 -7.84 -11.12 33.91
C PRO D 32 -7.97 -9.91 34.83
N GLY D 33 -7.07 -8.94 34.67
CA GLY D 33 -7.07 -7.74 35.50
C GLY D 33 -6.14 -6.66 34.97
N LYS D 34 -5.69 -5.81 35.88
CA LYS D 34 -4.79 -4.72 35.55
C LYS D 34 -3.64 -4.72 36.55
N ILE D 35 -2.43 -4.74 35.99
CA ILE D 35 -1.19 -4.71 36.76
C ILE D 35 -0.39 -3.44 36.44
N LYS D 36 0.05 -2.75 37.49
CA LYS D 36 0.83 -1.53 37.33
C LYS D 36 2.16 -1.58 38.08
N PHE D 37 3.20 -1.13 37.37
CA PHE D 37 4.55 -1.03 37.94
C PHE D 37 4.89 0.42 38.25
N THR D 38 4.90 0.77 39.54
CA THR D 38 5.28 2.13 39.93
C THR D 38 6.58 2.09 40.74
N PRO D 39 7.42 3.13 40.58
CA PRO D 39 8.60 3.19 41.45
C PRO D 39 8.21 3.46 42.90
N GLY D 40 8.78 2.68 43.82
CA GLY D 40 8.47 2.79 45.23
C GLY D 40 9.69 2.76 46.13
N GLY D 41 9.44 2.62 47.43
CA GLY D 41 10.52 2.64 48.40
C GLY D 41 10.65 4.01 49.03
N VAL D 42 10.52 4.07 50.36
CA VAL D 42 10.48 5.32 51.11
C VAL D 42 11.59 6.31 50.73
N GLY D 43 12.83 5.84 50.75
CA GLY D 43 13.96 6.69 50.39
C GLY D 43 13.87 7.24 48.98
N ARG D 44 13.63 6.33 48.03
CA ARG D 44 13.52 6.70 46.62
C ARG D 44 12.37 7.70 46.40
N ASN D 45 11.21 7.40 46.97
CA ASN D 45 10.05 8.28 46.86
C ASN D 45 10.31 9.67 47.43
N ILE D 46 10.94 9.72 48.60
CA ILE D 46 11.28 10.99 49.24
C ILE D 46 12.23 11.78 48.33
N ALA D 47 13.25 11.09 47.82
CA ALA D 47 14.21 11.70 46.90
C ALA D 47 13.49 12.32 45.69
N GLN D 48 12.53 11.58 45.14
CA GLN D 48 11.77 12.07 44.00
C GLN D 48 11.00 13.33 44.35
N ASN D 49 10.30 13.30 45.48
CA ASN D 49 9.55 14.47 45.91
C ASN D 49 10.46 15.68 46.16
N LEU D 50 11.68 15.42 46.61
CA LEU D 50 12.64 16.49 46.85
C LEU D 50 13.11 17.10 45.54
N ALA D 51 13.34 16.25 44.54
CA ALA D 51 13.69 16.75 43.21
C ALA D 51 12.54 17.57 42.63
N LEU D 52 11.31 17.08 42.81
CA LEU D 52 10.13 17.79 42.35
C LEU D 52 9.89 19.09 43.13
N LEU D 53 10.45 19.19 44.33
CA LEU D 53 10.36 20.40 45.12
C LEU D 53 11.51 21.35 44.79
N GLY D 54 12.29 20.97 43.78
CA GLY D 54 13.36 21.82 43.27
C GLY D 54 14.67 21.73 44.04
N ASN D 55 14.93 20.57 44.62
CA ASN D 55 16.19 20.36 45.34
C ASN D 55 17.08 19.40 44.55
N LYS D 56 18.38 19.68 44.51
CA LYS D 56 19.32 18.74 43.91
C LYS D 56 19.49 17.57 44.87
N ALA D 57 18.89 16.44 44.51
CA ALA D 57 18.78 15.31 45.43
C ALA D 57 19.56 14.09 44.97
N TRP D 58 20.41 13.59 45.86
CA TRP D 58 21.21 12.39 45.58
C TRP D 58 20.67 11.21 46.36
N LEU D 59 20.34 10.13 45.65
CA LEU D 59 19.84 8.93 46.28
C LEU D 59 20.97 7.95 46.52
N LEU D 60 21.09 7.48 47.76
CA LEU D 60 22.07 6.47 48.09
C LEU D 60 21.33 5.19 48.51
N SER D 61 21.16 4.30 47.53
CA SER D 61 20.37 3.08 47.72
C SER D 61 21.04 1.87 47.10
N ALA D 62 20.30 0.77 47.05
CA ALA D 62 20.79 -0.45 46.41
C ALA D 62 19.73 -1.10 45.52
N VAL D 63 20.11 -1.39 44.28
CA VAL D 63 19.25 -2.14 43.38
C VAL D 63 20.01 -3.35 42.84
N GLY D 64 19.29 -4.27 42.20
CA GLY D 64 19.88 -5.50 41.73
C GLY D 64 20.59 -5.38 40.40
N SER D 65 21.31 -6.44 40.02
CA SER D 65 22.00 -6.50 38.74
C SER D 65 21.01 -6.73 37.60
N ASP D 66 19.77 -7.05 37.95
CA ASP D 66 18.71 -7.24 36.97
C ASP D 66 18.40 -5.93 36.22
N PHE D 67 17.80 -6.07 35.05
CA PHE D 67 17.54 -4.94 34.15
C PHE D 67 16.49 -3.99 34.72
N TYR D 68 15.56 -4.57 35.48
CA TYR D 68 14.43 -3.84 36.03
C TYR D 68 14.87 -2.86 37.11
N GLY D 69 15.98 -3.19 37.77
CA GLY D 69 16.59 -2.28 38.72
C GLY D 69 17.12 -1.07 37.98
N GLN D 70 17.70 -1.32 36.81
CA GLN D 70 18.26 -0.25 36.00
C GLN D 70 17.17 0.65 35.44
N SER D 71 16.00 0.07 35.19
CA SER D 71 14.87 0.88 34.74
C SER D 71 14.27 1.67 35.91
N LEU D 72 14.36 1.11 37.12
CA LEU D 72 13.96 1.85 38.31
C LEU D 72 14.82 3.09 38.49
N LEU D 73 16.13 2.88 38.50
CA LEU D 73 17.10 3.97 38.57
C LEU D 73 16.91 4.99 37.46
N THR D 74 16.64 4.51 36.24
CA THR D 74 16.44 5.39 35.09
C THR D 74 15.20 6.28 35.22
N GLN D 75 14.06 5.68 35.58
CA GLN D 75 12.83 6.43 35.81
C GLN D 75 13.03 7.48 36.90
N THR D 76 13.71 7.06 37.98
CA THR D 76 13.99 7.96 39.09
C THR D 76 14.88 9.11 38.62
N ASN D 77 15.85 8.80 37.78
CA ASN D 77 16.76 9.80 37.24
C ASN D 77 16.03 10.80 36.37
N GLN D 78 14.97 10.36 35.68
CA GLN D 78 14.17 11.26 34.87
C GLN D 78 13.11 11.96 35.70
N SER D 79 13.07 11.65 36.99
CA SER D 79 12.37 12.54 37.91
C SER D 79 13.24 13.71 38.40
N GLY D 80 14.52 13.71 38.01
CA GLY D 80 15.43 14.75 38.45
C GLY D 80 16.45 14.30 39.48
N VAL D 81 16.23 13.11 40.04
CA VAL D 81 17.11 12.57 41.07
C VAL D 81 18.45 12.08 40.51
N TYR D 82 19.54 12.35 41.23
CA TYR D 82 20.86 11.87 40.85
C TYR D 82 21.10 10.48 41.43
N VAL D 83 21.11 9.47 40.57
CA VAL D 83 21.18 8.08 41.01
C VAL D 83 22.54 7.43 40.77
N ASP D 84 23.53 8.25 40.41
CA ASP D 84 24.80 7.72 39.93
C ASP D 84 25.66 7.12 41.04
N LYS D 85 25.31 7.38 42.29
CA LYS D 85 26.02 6.78 43.41
C LYS D 85 25.28 5.57 43.98
N CYS D 86 24.09 5.29 43.46
CA CYS D 86 23.33 4.12 43.90
C CYS D 86 24.10 2.83 43.62
N LEU D 87 24.27 2.01 44.64
CA LEU D 87 24.96 0.74 44.51
C LEU D 87 24.12 -0.25 43.71
N ILE D 88 24.72 -0.84 42.69
CA ILE D 88 24.06 -1.91 41.95
C ILE D 88 24.66 -3.24 42.37
N VAL D 89 23.82 -4.13 42.91
CA VAL D 89 24.32 -5.36 43.50
C VAL D 89 24.28 -6.51 42.51
N PRO D 90 25.46 -7.07 42.22
CA PRO D 90 25.61 -8.20 41.29
C PRO D 90 25.12 -9.50 41.92
N GLY D 91 24.42 -10.33 41.14
CA GLY D 91 24.00 -11.62 41.62
C GLY D 91 22.80 -11.54 42.55
N GLU D 92 22.15 -10.39 42.59
CA GLU D 92 20.98 -10.22 43.43
C GLU D 92 19.82 -9.60 42.66
N ASN D 93 18.65 -9.60 43.29
CA ASN D 93 17.43 -9.18 42.61
C ASN D 93 16.94 -7.88 43.23
N THR D 94 16.42 -6.98 42.40
CA THR D 94 15.91 -5.71 42.89
C THR D 94 14.70 -5.93 43.79
N SER D 95 14.70 -5.26 44.93
CA SER D 95 13.63 -5.40 45.91
C SER D 95 12.31 -4.84 45.36
N SER D 96 11.19 -5.33 45.90
CA SER D 96 9.89 -4.99 45.34
C SER D 96 8.73 -5.16 46.34
N TYR D 97 7.66 -4.42 46.12
CA TYR D 97 6.46 -4.54 46.95
C TYR D 97 5.27 -5.00 46.11
N LEU D 98 4.91 -6.28 46.29
CA LEU D 98 3.79 -6.89 45.61
C LEU D 98 2.47 -6.64 46.35
N SER D 99 1.45 -6.20 45.61
CA SER D 99 0.17 -5.86 46.23
C SER D 99 -1.01 -6.37 45.41
N LEU D 100 -1.76 -7.29 46.00
CA LEU D 100 -2.98 -7.81 45.39
C LEU D 100 -4.22 -7.15 46.00
N LEU D 101 -4.85 -6.33 45.16
CA LEU D 101 -6.07 -5.61 45.47
C LEU D 101 -7.21 -6.20 44.65
N ASP D 102 -8.39 -5.58 44.71
CA ASP D 102 -9.48 -5.93 43.79
C ASP D 102 -10.20 -4.68 43.26
N ASN D 103 -11.35 -4.91 42.63
CA ASN D 103 -12.17 -3.87 42.00
C ASN D 103 -12.26 -2.53 42.72
N THR D 104 -12.54 -2.58 44.02
CA THR D 104 -12.62 -1.37 44.83
C THR D 104 -11.29 -0.65 44.98
N GLY D 105 -10.22 -1.41 45.21
CA GLY D 105 -8.92 -0.82 45.44
C GLY D 105 -8.42 -1.04 46.86
N GLU D 106 -8.95 -2.07 47.51
CA GLU D 106 -8.58 -2.40 48.88
C GLU D 106 -7.54 -3.51 48.87
N MET D 107 -6.43 -3.30 49.57
CA MET D 107 -5.39 -4.31 49.59
C MET D 107 -5.86 -5.56 50.32
N LEU D 108 -6.00 -6.64 49.56
CA LEU D 108 -6.31 -7.96 50.11
C LEU D 108 -5.05 -8.60 50.67
N VAL D 109 -3.98 -8.67 49.88
CA VAL D 109 -2.76 -9.26 50.43
C VAL D 109 -1.52 -8.59 49.83
N ALA D 110 -0.39 -8.66 50.54
CA ALA D 110 0.83 -8.04 50.06
C ALA D 110 2.09 -8.81 50.46
N ILE D 111 3.08 -8.77 49.57
CA ILE D 111 4.36 -9.42 49.81
C ILE D 111 5.46 -8.37 49.66
N ASN D 112 6.53 -8.48 50.45
CA ASN D 112 7.68 -7.59 50.25
C ASN D 112 8.99 -8.35 50.26
N ASP D 113 9.80 -8.11 49.24
CA ASP D 113 11.12 -8.69 49.15
C ASP D 113 12.17 -7.59 49.23
N MET D 114 12.39 -7.07 50.44
CA MET D 114 13.25 -5.90 50.63
C MET D 114 14.59 -6.25 51.26
N ASN D 115 15.16 -7.39 50.89
CA ASN D 115 16.38 -7.86 51.54
C ASN D 115 17.64 -7.12 51.09
N ILE D 116 17.65 -6.61 49.86
CA ILE D 116 18.85 -5.94 49.34
C ILE D 116 19.02 -4.56 49.98
N SER D 117 18.03 -4.17 50.78
CA SER D 117 18.16 -2.97 51.61
C SER D 117 19.31 -3.16 52.58
N ASN D 118 19.65 -4.42 52.84
CA ASN D 118 20.75 -4.76 53.72
C ASN D 118 22.11 -4.64 53.04
N ALA D 119 22.09 -4.44 51.72
CA ALA D 119 23.31 -4.20 50.97
C ALA D 119 23.77 -2.75 51.13
N ILE D 120 22.87 -1.90 51.59
CA ILE D 120 23.21 -0.52 51.89
C ILE D 120 24.03 -0.51 53.18
N THR D 121 25.30 -0.91 53.08
CA THR D 121 26.15 -1.14 54.24
C THR D 121 26.98 0.07 54.62
N ALA D 122 27.53 0.05 55.83
CA ALA D 122 28.34 1.14 56.34
C ALA D 122 29.59 1.36 55.50
N GLU D 123 30.13 0.28 54.93
CA GLU D 123 31.25 0.38 54.00
C GLU D 123 30.87 1.23 52.79
N TYR D 124 29.69 0.95 52.26
CA TYR D 124 29.17 1.66 51.09
C TYR D 124 29.04 3.16 51.33
N LEU D 125 28.38 3.55 52.41
CA LEU D 125 28.21 4.98 52.70
C LEU D 125 29.57 5.61 53.07
N ALA D 126 30.45 4.81 53.66
CA ALA D 126 31.80 5.27 53.99
C ALA D 126 32.56 5.62 52.72
N GLN D 127 32.27 4.91 51.64
CA GLN D 127 32.88 5.23 50.35
C GLN D 127 32.40 6.58 49.82
N HIS D 128 31.35 7.12 50.43
CA HIS D 128 30.84 8.44 50.07
C HIS D 128 30.80 9.37 51.27
N ARG D 129 31.61 9.06 52.28
CA ARG D 129 31.63 9.81 53.54
C ARG D 129 31.65 11.34 53.37
N GLU D 130 32.64 11.88 52.65
CA GLU D 130 32.79 13.32 52.54
C GLU D 130 31.64 13.97 51.78
N PHE D 131 31.23 13.34 50.69
CA PHE D 131 30.09 13.81 49.92
C PHE D 131 28.85 13.91 50.80
N ILE D 132 28.60 12.86 51.58
CA ILE D 132 27.48 12.85 52.51
C ILE D 132 27.63 13.98 53.53
N GLN D 133 28.85 14.18 54.01
CA GLN D 133 29.08 15.19 55.05
C GLN D 133 29.02 16.61 54.49
N ARG D 134 28.95 16.75 53.18
CA ARG D 134 28.84 18.10 52.62
C ARG D 134 27.45 18.42 52.06
N ALA D 135 26.47 17.58 52.35
CA ALA D 135 25.08 17.87 52.00
C ALA D 135 24.49 18.89 52.97
N LYS D 136 23.42 19.57 52.55
CA LYS D 136 22.77 20.54 53.43
C LYS D 136 21.87 19.82 54.42
N VAL D 137 21.39 18.65 54.04
CA VAL D 137 20.61 17.80 54.95
C VAL D 137 20.65 16.34 54.48
N ILE D 138 20.67 15.42 55.44
CA ILE D 138 20.61 14.00 55.16
C ILE D 138 19.27 13.40 55.58
N VAL D 139 18.59 12.73 54.67
CA VAL D 139 17.35 12.03 55.01
C VAL D 139 17.53 10.52 54.95
N ALA D 140 17.19 9.85 56.04
CA ALA D 140 17.34 8.40 56.10
C ALA D 140 16.04 7.71 56.52
N ASP D 141 15.77 6.55 55.91
CA ASP D 141 14.61 5.77 56.33
C ASP D 141 15.09 4.57 57.13
N CYS D 142 14.19 3.96 57.89
CA CYS D 142 14.59 2.87 58.77
C CYS D 142 14.47 1.50 58.12
N ASN D 143 14.38 1.48 56.78
CA ASN D 143 14.47 0.22 56.04
C ASN D 143 15.89 -0.31 56.05
N ILE D 144 16.86 0.59 56.21
CA ILE D 144 18.26 0.19 56.25
C ILE D 144 18.56 -0.50 57.57
N SER D 145 19.72 -1.14 57.66
CA SER D 145 20.10 -1.87 58.86
C SER D 145 20.42 -0.92 60.01
N GLU D 146 20.39 -1.44 61.24
CA GLU D 146 20.75 -0.64 62.40
C GLU D 146 22.20 -0.17 62.30
N GLU D 147 23.07 -1.03 61.78
CA GLU D 147 24.46 -0.67 61.59
C GLU D 147 24.61 0.53 60.65
N ALA D 148 23.83 0.54 59.58
CA ALA D 148 23.92 1.60 58.58
C ALA D 148 23.41 2.93 59.13
N LEU D 149 22.26 2.87 59.80
CA LEU D 149 21.68 4.05 60.44
C LEU D 149 22.63 4.61 61.49
N ALA D 150 23.21 3.70 62.27
CA ALA D 150 24.18 4.05 63.30
C ALA D 150 25.37 4.77 62.68
N TRP D 151 25.88 4.22 61.57
CA TRP D 151 26.97 4.87 60.85
C TRP D 151 26.59 6.29 60.42
N ILE D 152 25.42 6.43 59.82
CA ILE D 152 24.96 7.74 59.36
C ILE D 152 24.91 8.75 60.50
N LEU D 153 24.23 8.38 61.59
CA LEU D 153 24.08 9.28 62.72
C LEU D 153 25.42 9.58 63.39
N ASP D 154 26.35 8.63 63.31
CA ASP D 154 27.67 8.81 63.90
C ASP D 154 28.64 9.61 63.04
N ASN D 155 28.36 9.70 61.74
CA ASN D 155 29.26 10.38 60.82
C ASN D 155 28.60 11.53 60.06
N ALA D 156 27.61 12.16 60.67
CA ALA D 156 26.85 13.20 59.99
C ALA D 156 27.58 14.54 59.98
N ALA D 157 28.60 14.67 60.83
CA ALA D 157 29.42 15.87 60.86
C ALA D 157 28.58 17.14 60.99
N ASN D 158 27.65 17.11 61.96
CA ASN D 158 26.75 18.23 62.25
C ASN D 158 25.76 18.56 61.14
N VAL D 159 25.66 17.69 60.14
CA VAL D 159 24.59 17.83 59.15
C VAL D 159 23.32 17.21 59.72
N PRO D 160 22.22 17.98 59.73
CA PRO D 160 20.93 17.52 60.25
C PRO D 160 20.45 16.23 59.58
N VAL D 161 20.12 15.23 60.37
CA VAL D 161 19.55 14.00 59.83
C VAL D 161 18.06 13.92 60.12
N PHE D 162 17.26 13.96 59.06
CA PHE D 162 15.82 13.74 59.13
C PHE D 162 15.54 12.26 58.94
N VAL D 163 14.87 11.65 59.91
CA VAL D 163 14.65 10.22 59.88
C VAL D 163 13.18 9.83 59.73
N ASP D 164 12.88 9.02 58.71
CA ASP D 164 11.56 8.43 58.54
C ASP D 164 11.55 7.02 59.13
N PRO D 165 10.75 6.83 60.19
CA PRO D 165 10.71 5.57 60.95
C PRO D 165 10.02 4.43 60.20
N VAL D 166 9.32 4.75 59.12
CA VAL D 166 8.76 3.77 58.18
C VAL D 166 7.60 2.96 58.75
N SER D 167 7.88 2.07 59.70
CA SER D 167 6.85 1.21 60.27
C SER D 167 7.05 0.97 61.76
N ALA D 168 6.04 0.38 62.40
CA ALA D 168 6.09 0.09 63.83
C ALA D 168 7.19 -0.92 64.15
N TRP D 169 7.48 -1.81 63.20
CA TRP D 169 8.49 -2.85 63.38
C TRP D 169 9.91 -2.33 63.18
N LYS D 170 10.09 -1.46 62.19
CA LYS D 170 11.43 -1.00 61.81
C LYS D 170 11.85 0.28 62.54
N CYS D 171 10.92 0.93 63.22
CA CYS D 171 11.22 2.21 63.88
C CYS D 171 12.05 2.04 65.15
N VAL D 172 12.00 0.85 65.76
CA VAL D 172 12.62 0.63 67.06
C VAL D 172 14.12 0.92 67.06
N LYS D 173 14.76 0.74 65.90
CA LYS D 173 16.21 0.93 65.79
C LYS D 173 16.58 2.39 66.07
N VAL D 174 15.57 3.23 66.20
CA VAL D 174 15.77 4.66 66.41
C VAL D 174 15.79 5.01 67.91
N ARG D 175 15.22 4.15 68.75
CA ARG D 175 14.99 4.47 70.16
C ARG D 175 16.24 4.92 70.92
N ASP D 176 17.35 4.21 70.75
CA ASP D 176 18.57 4.53 71.49
C ASP D 176 19.41 5.62 70.84
N ARG D 177 18.94 6.22 69.75
CA ARG D 177 19.75 7.20 69.03
C ARG D 177 18.96 8.47 68.72
N LEU D 178 17.91 8.71 69.51
CA LEU D 178 17.09 9.91 69.36
C LEU D 178 17.91 11.18 69.55
N ASN D 179 18.97 11.11 70.34
CA ASN D 179 19.84 12.26 70.55
C ASN D 179 20.65 12.64 69.31
N GLN D 180 20.69 11.75 68.32
CA GLN D 180 21.46 12.01 67.11
C GLN D 180 20.60 12.42 65.93
N ILE D 181 19.29 12.58 66.17
CA ILE D 181 18.35 12.87 65.10
C ILE D 181 17.77 14.27 65.19
N HIS D 182 17.89 15.03 64.11
CA HIS D 182 17.34 16.38 64.06
C HIS D 182 15.81 16.36 64.08
N THR D 183 15.22 15.55 63.20
CA THR D 183 13.77 15.49 63.06
C THR D 183 13.27 14.06 62.85
N LEU D 184 12.31 13.64 63.68
CA LEU D 184 11.66 12.35 63.52
C LEU D 184 10.19 12.54 63.15
N LYS D 185 9.70 11.71 62.22
CA LYS D 185 8.32 11.81 61.77
C LYS D 185 7.56 10.49 61.93
N PRO D 186 7.15 10.17 63.18
CA PRO D 186 6.40 8.94 63.39
C PRO D 186 4.89 9.14 63.28
N ASN D 187 4.14 8.06 63.06
CA ASN D 187 2.69 8.11 63.20
C ASN D 187 2.32 7.73 64.63
N ARG D 188 1.01 7.59 64.88
CA ARG D 188 0.53 7.20 66.20
C ARG D 188 1.19 5.92 66.69
N LEU D 189 1.08 4.87 65.88
CA LEU D 189 1.56 3.54 66.26
C LEU D 189 3.06 3.53 66.50
N GLU D 190 3.81 4.20 65.63
CA GLU D 190 5.27 4.26 65.75
C GLU D 190 5.68 5.01 67.03
N ALA D 191 5.01 6.13 67.31
CA ALA D 191 5.29 6.90 68.51
C ALA D 191 4.98 6.10 69.77
N GLU D 192 3.87 5.37 69.75
CA GLU D 192 3.50 4.51 70.87
C GLU D 192 4.52 3.40 71.07
N THR D 193 4.95 2.79 69.97
CA THR D 193 5.93 1.71 70.02
C THR D 193 7.28 2.19 70.57
N LEU D 194 7.70 3.38 70.15
CA LEU D 194 8.96 3.93 70.63
C LEU D 194 8.90 4.36 72.09
N SER D 195 7.94 5.23 72.41
CA SER D 195 7.84 5.84 73.73
C SER D 195 7.39 4.85 74.81
N GLY D 196 6.60 3.85 74.40
CA GLY D 196 5.99 2.94 75.35
C GLY D 196 4.79 3.57 76.04
N ILE D 197 4.28 4.66 75.47
CA ILE D 197 3.14 5.37 76.03
C ILE D 197 2.00 5.36 75.03
N ALA D 198 0.84 4.89 75.46
CA ALA D 198 -0.32 4.81 74.58
C ALA D 198 -0.87 6.20 74.28
N LEU D 199 -1.28 6.40 73.04
CA LEU D 199 -1.91 7.65 72.64
C LEU D 199 -3.41 7.40 72.53
N SER D 200 -4.03 7.15 73.67
CA SER D 200 -5.45 6.82 73.74
C SER D 200 -6.29 8.05 73.44
N GLY D 201 -5.81 9.19 73.92
CA GLY D 201 -6.50 10.43 73.65
C GLY D 201 -5.42 11.38 73.18
N ARG D 202 -5.82 12.55 72.69
CA ARG D 202 -4.85 13.50 72.21
C ARG D 202 -4.20 14.23 73.38
N ASP D 203 -4.86 14.18 74.53
CA ASP D 203 -4.31 14.77 75.75
C ASP D 203 -3.01 14.06 76.09
N ASP D 204 -2.77 12.92 75.44
CA ASP D 204 -1.56 12.14 75.66
C ASP D 204 -0.37 12.61 74.85
N VAL D 205 -0.60 13.38 73.78
CA VAL D 205 0.49 13.72 72.86
C VAL D 205 1.59 14.45 73.62
N ALA D 206 1.21 15.36 74.50
CA ALA D 206 2.19 16.12 75.27
C ALA D 206 3.11 15.16 76.00
N LYS D 207 2.52 14.16 76.65
CA LYS D 207 3.33 13.28 77.48
C LYS D 207 4.30 12.56 76.55
N VAL D 208 3.77 12.11 75.41
CA VAL D 208 4.59 11.37 74.46
C VAL D 208 5.73 12.24 74.02
N ALA D 209 5.41 13.50 73.73
CA ALA D 209 6.40 14.43 73.23
C ALA D 209 7.47 14.57 74.30
N ALA D 210 7.03 14.68 75.55
CA ALA D 210 7.97 14.90 76.65
C ALA D 210 8.97 13.76 76.67
N TRP D 211 8.46 12.54 76.48
CA TRP D 211 9.31 11.36 76.53
C TRP D 211 10.38 11.50 75.48
N PHE D 212 9.94 11.86 74.26
CA PHE D 212 10.85 11.96 73.14
C PHE D 212 11.92 12.98 73.45
N HIS D 213 11.49 14.09 74.04
CA HIS D 213 12.42 15.16 74.33
C HIS D 213 13.37 14.75 75.44
N GLN D 214 12.88 13.94 76.37
CA GLN D 214 13.74 13.55 77.50
C GLN D 214 14.81 12.57 77.04
N HIS D 215 14.56 11.89 75.92
CA HIS D 215 15.53 10.95 75.39
C HIS D 215 16.38 11.58 74.28
N GLY D 216 16.31 12.90 74.15
CA GLY D 216 17.23 13.64 73.31
C GLY D 216 16.79 14.03 71.91
N LEU D 217 15.55 13.75 71.54
CA LEU D 217 15.06 14.12 70.22
C LEU D 217 14.87 15.63 70.09
N ASN D 218 15.50 16.20 69.06
CA ASN D 218 15.43 17.63 68.81
C ASN D 218 14.05 18.09 68.37
N ARG D 219 13.54 17.48 67.30
CA ARG D 219 12.22 17.84 66.78
C ARG D 219 11.36 16.63 66.47
N LEU D 220 10.10 16.71 66.89
CA LEU D 220 9.15 15.65 66.65
C LEU D 220 8.01 16.14 65.76
N VAL D 221 7.74 15.39 64.69
CA VAL D 221 6.60 15.65 63.83
C VAL D 221 5.71 14.42 63.87
N LEU D 222 4.70 14.48 64.73
CA LEU D 222 3.82 13.35 65.01
C LEU D 222 2.56 13.39 64.17
N SER D 223 2.52 12.56 63.13
CA SER D 223 1.33 12.48 62.29
C SER D 223 0.28 11.64 62.99
N MET D 224 -0.89 12.22 63.19
CA MET D 224 -1.97 11.55 63.91
C MET D 224 -3.13 11.25 62.97
N GLY D 225 -2.82 11.15 61.68
CA GLY D 225 -3.82 10.84 60.68
C GLY D 225 -4.87 11.92 60.57
N GLY D 226 -6.09 11.59 60.99
CA GLY D 226 -7.22 12.49 60.90
C GLY D 226 -7.25 13.59 61.93
N ASP D 227 -6.47 13.43 63.00
CA ASP D 227 -6.39 14.45 64.04
C ASP D 227 -5.49 15.59 63.60
N GLY D 228 -4.55 15.27 62.71
CA GLY D 228 -3.67 16.28 62.15
C GLY D 228 -2.24 15.95 62.53
N VAL D 229 -1.40 16.97 62.61
CA VAL D 229 -0.01 16.78 63.00
C VAL D 229 0.33 17.56 64.27
N TYR D 230 0.89 16.88 65.27
CA TYR D 230 1.40 17.58 66.44
C TYR D 230 2.91 17.76 66.28
N TYR D 231 3.39 18.99 66.35
CA TYR D 231 4.83 19.23 66.25
C TYR D 231 5.40 19.76 67.56
N SER D 232 6.59 19.27 67.92
CA SER D 232 7.23 19.68 69.16
C SER D 232 8.74 19.86 69.03
N ASP D 233 9.22 21.03 69.47
CA ASP D 233 10.66 21.32 69.50
C ASP D 233 11.18 21.21 70.93
N ILE D 234 12.34 20.58 71.08
CA ILE D 234 12.96 20.41 72.39
C ILE D 234 13.25 21.75 73.09
N ARG D 235 13.25 22.84 72.33
CA ARG D 235 13.45 24.17 72.90
C ARG D 235 12.17 24.78 73.46
N GLY D 236 11.07 24.02 73.39
CA GLY D 236 9.81 24.45 73.99
C GLY D 236 8.64 24.76 73.07
N GLU D 237 8.90 25.08 71.80
CA GLU D 237 7.82 25.33 70.86
C GLU D 237 7.04 24.06 70.50
N ASN D 238 5.73 24.09 70.65
CA ASN D 238 4.88 22.98 70.22
C ASN D 238 3.49 23.45 69.78
N GLY D 239 2.87 22.69 68.89
CA GLY D 239 1.55 23.05 68.40
C GLY D 239 0.84 21.98 67.59
N TRP D 240 -0.40 22.27 67.22
CA TRP D 240 -1.21 21.40 66.38
C TRP D 240 -1.45 22.03 65.01
N SER D 241 -1.42 21.19 63.98
CA SER D 241 -1.79 21.61 62.64
C SER D 241 -2.92 20.72 62.14
N ALA D 242 -4.06 21.34 61.84
CA ALA D 242 -5.23 20.62 61.35
C ALA D 242 -4.93 19.99 60.00
N PRO D 243 -5.59 18.87 59.70
CA PRO D 243 -5.36 18.21 58.40
C PRO D 243 -5.87 19.07 57.25
N ILE D 244 -5.17 19.03 56.12
CA ILE D 244 -5.66 19.67 54.91
C ILE D 244 -6.77 18.83 54.29
N LYS D 245 -7.97 19.43 54.20
CA LYS D 245 -9.09 18.83 53.48
C LYS D 245 -8.65 18.35 52.11
N THR D 246 -8.63 17.04 51.92
CA THR D 246 -8.17 16.46 50.67
C THR D 246 -9.14 15.38 50.23
N ASN D 247 -9.40 15.31 48.92
CA ASN D 247 -10.10 14.19 48.34
C ASN D 247 -9.14 13.02 48.23
N VAL D 248 -9.15 12.15 49.22
CA VAL D 248 -8.21 11.04 49.26
C VAL D 248 -8.63 9.94 48.29
N ILE D 249 -7.81 9.73 47.27
CA ILE D 249 -8.07 8.65 46.33
C ILE D 249 -7.08 7.50 46.57
N ASN D 250 -5.80 7.82 46.79
CA ASN D 250 -4.82 6.82 47.20
C ASN D 250 -3.94 7.33 48.35
N VAL D 251 -3.84 6.56 49.41
CA VAL D 251 -3.10 6.99 50.60
C VAL D 251 -1.59 6.75 50.51
N THR D 252 -1.15 6.03 49.49
CA THR D 252 0.27 5.72 49.35
C THR D 252 1.07 6.98 49.03
N GLY D 253 2.29 7.04 49.58
CA GLY D 253 3.19 8.15 49.30
C GLY D 253 2.97 9.42 50.11
N ALA D 254 2.01 9.39 51.03
CA ALA D 254 1.70 10.57 51.85
C ALA D 254 2.89 10.97 52.74
N GLY D 255 3.36 10.04 53.56
CA GLY D 255 4.46 10.29 54.48
C GLY D 255 5.74 10.66 53.77
N ASP D 256 5.95 10.11 52.59
CA ASP D 256 7.14 10.40 51.79
C ASP D 256 7.15 11.86 51.35
N ALA D 257 5.98 12.32 50.92
CA ALA D 257 5.81 13.70 50.49
C ALA D 257 5.96 14.63 51.69
N MET D 258 5.42 14.22 52.83
CA MET D 258 5.57 15.01 54.06
C MET D 258 7.04 15.18 54.46
N MET D 259 7.77 14.06 54.49
CA MET D 259 9.19 14.09 54.84
C MET D 259 9.96 15.01 53.90
N ALA D 260 9.69 14.87 52.60
CA ALA D 260 10.35 15.70 51.60
C ALA D 260 10.05 17.18 51.85
N GLY D 261 8.80 17.49 52.16
CA GLY D 261 8.39 18.84 52.49
C GLY D 261 9.17 19.39 53.68
N LEU D 262 9.29 18.59 54.74
CA LEU D 262 10.00 19.02 55.94
C LEU D 262 11.47 19.35 55.63
N ALA D 263 12.15 18.41 54.98
CA ALA D 263 13.57 18.61 54.65
C ALA D 263 13.78 19.81 53.72
N SER D 264 12.94 19.92 52.69
CA SER D 264 13.04 21.01 51.74
C SER D 264 12.85 22.36 52.43
N CYS D 265 11.85 22.44 53.30
CA CYS D 265 11.57 23.68 54.01
C CYS D 265 12.70 24.04 54.96
N TRP D 266 13.30 23.03 55.61
CA TRP D 266 14.45 23.29 56.47
C TRP D 266 15.59 23.89 55.66
N VAL D 267 15.86 23.32 54.50
CA VAL D 267 16.90 23.85 53.62
C VAL D 267 16.59 25.27 53.16
N ASP D 268 15.31 25.57 52.97
CA ASP D 268 14.91 26.90 52.49
C ASP D 268 14.82 27.94 53.62
N GLY D 269 15.25 27.56 54.82
CA GLY D 269 15.30 28.48 55.94
C GLY D 269 13.96 28.82 56.58
N MET D 270 12.95 27.99 56.32
CA MET D 270 11.61 28.21 56.87
C MET D 270 11.52 27.83 58.35
N PRO D 271 10.67 28.54 59.11
CA PRO D 271 10.37 28.20 60.50
C PRO D 271 9.70 26.83 60.61
N PHE D 272 9.71 26.27 61.82
CA PHE D 272 9.22 24.92 62.09
C PHE D 272 7.75 24.74 61.70
N ALA D 273 6.88 25.53 62.31
CA ALA D 273 5.43 25.42 62.12
C ALA D 273 5.01 25.50 60.65
N GLU D 274 5.51 26.50 59.94
CA GLU D 274 5.16 26.71 58.54
C GLU D 274 5.74 25.58 57.68
N SER D 275 6.87 25.03 58.10
CA SER D 275 7.45 23.88 57.42
C SER D 275 6.53 22.68 57.58
N VAL D 276 5.90 22.57 58.74
CA VAL D 276 4.97 21.48 59.01
C VAL D 276 3.72 21.62 58.15
N ARG D 277 3.19 22.85 58.08
CA ARG D 277 2.01 23.12 57.26
C ARG D 277 2.30 22.79 55.79
N PHE D 278 3.47 23.23 55.32
CA PHE D 278 3.89 22.97 53.95
C PHE D 278 4.00 21.47 53.69
N ALA D 279 4.57 20.74 54.65
CA ALA D 279 4.74 19.30 54.52
C ALA D 279 3.38 18.62 54.43
N GLN D 280 2.43 19.12 55.21
CA GLN D 280 1.06 18.65 55.15
C GLN D 280 0.47 18.90 53.76
N GLY D 281 0.83 20.03 53.16
CA GLY D 281 0.37 20.33 51.82
C GLY D 281 0.92 19.32 50.83
N CYS D 282 2.18 18.93 51.02
CA CYS D 282 2.80 17.92 50.16
C CYS D 282 2.08 16.58 50.30
N SER D 283 1.78 16.18 51.53
CA SER D 283 1.10 14.92 51.75
C SER D 283 -0.30 14.97 51.13
N SER D 284 -0.90 16.16 51.17
CA SER D 284 -2.20 16.38 50.56
C SER D 284 -2.15 16.16 49.05
N MET D 285 -1.12 16.70 48.41
CA MET D 285 -0.92 16.47 46.98
C MET D 285 -0.71 14.97 46.69
N ALA D 286 0.00 14.30 47.59
CA ALA D 286 0.24 12.87 47.44
C ALA D 286 -1.07 12.06 47.53
N LEU D 287 -1.95 12.48 48.43
CA LEU D 287 -3.21 11.78 48.68
C LEU D 287 -4.18 11.89 47.52
N SER D 288 -4.13 13.02 46.81
CA SER D 288 -5.05 13.29 45.70
C SER D 288 -4.59 12.68 44.38
N CYS D 289 -3.59 11.80 44.44
CA CYS D 289 -2.99 11.23 43.23
C CYS D 289 -3.04 9.71 43.28
N GLU D 290 -3.18 9.05 42.13
CA GLU D 290 -3.22 7.59 42.10
C GLU D 290 -1.84 6.97 42.23
N TYR D 291 -0.82 7.72 41.85
CA TYR D 291 0.55 7.26 41.95
C TYR D 291 1.16 7.53 43.32
N THR D 292 2.24 6.83 43.63
CA THR D 292 2.96 7.02 44.88
C THR D 292 3.51 8.45 44.95
N ASN D 293 4.02 8.93 43.83
CA ASN D 293 4.45 10.31 43.70
C ASN D 293 3.54 11.09 42.75
N ASN D 294 2.93 12.16 43.26
CA ASN D 294 2.20 13.09 42.41
C ASN D 294 3.19 13.87 41.54
N PRO D 295 3.09 13.71 40.22
CA PRO D 295 4.03 14.38 39.30
C PRO D 295 3.83 15.88 39.27
N ASP D 296 2.70 16.36 39.79
CA ASP D 296 2.42 17.79 39.84
C ASP D 296 2.82 18.41 41.17
N LEU D 297 3.60 17.68 41.96
CA LEU D 297 4.12 18.23 43.21
C LEU D 297 5.14 19.33 42.92
N SER D 298 4.80 20.55 43.33
CA SER D 298 5.67 21.70 43.12
C SER D 298 5.55 22.64 44.31
N ILE D 299 6.52 23.54 44.46
CA ILE D 299 6.46 24.54 45.53
C ILE D 299 5.21 25.40 45.36
N ALA D 300 4.98 25.87 44.15
CA ALA D 300 3.85 26.74 43.84
C ALA D 300 2.50 26.08 44.16
N ASN D 301 2.33 24.84 43.75
CA ASN D 301 1.07 24.14 43.94
C ASN D 301 0.81 23.81 45.41
N VAL D 302 1.87 23.42 46.12
CA VAL D 302 1.76 23.18 47.56
C VAL D 302 1.40 24.48 48.28
N ILE D 303 2.05 25.58 47.91
CA ILE D 303 1.78 26.87 48.53
C ILE D 303 0.32 27.30 48.32
N SER D 304 -0.13 27.22 47.07
CA SER D 304 -1.51 27.54 46.73
C SER D 304 -2.47 26.68 47.54
N LEU D 305 -2.18 25.38 47.59
CA LEU D 305 -2.97 24.43 48.37
C LEU D 305 -3.04 24.80 49.85
N VAL D 306 -1.91 25.27 50.38
CA VAL D 306 -1.81 25.62 51.80
C VAL D 306 -2.59 26.89 52.16
N GLU D 307 -2.52 27.91 51.31
CA GLU D 307 -3.23 29.16 51.64
C GLU D 307 -4.71 29.02 51.27
N ASN D 308 -5.07 27.84 50.78
CA ASN D 308 -6.45 27.38 50.78
C ASN D 308 -6.84 26.91 52.17
N ALA D 309 -7.39 27.84 52.97
CA ALA D 309 -7.71 27.57 54.37
C ALA D 309 -8.53 28.71 54.95
#